data_8CWA
#
_entry.id   8CWA
#
_entity_poly.entity_id   1
_entity_poly.type   'polypeptide(D)'
_entity_poly.pdbx_seq_one_letter_code
;(DVA)(MLE)(DPR)L(DVA)(MLE)(DPR)L
;
_entity_poly.pdbx_strand_id   A
#
# COMPACT_ATOMS: atom_id res chain seq x y z
N DVA A 1 -0.54 2.18 1.57
CA DVA A 1 -1.11 1.54 2.76
CB DVA A 1 -0.15 1.70 3.94
CG1 DVA A 1 1.29 1.76 3.42
CG2 DVA A 1 -0.47 2.98 4.70
C DVA A 1 -1.35 0.09 2.49
O DVA A 1 -0.41 -0.71 2.42
H1 DVA A 1 0.11 1.68 1.02
HA DVA A 1 -2.06 2.02 3.00
HB DVA A 1 -0.26 0.84 4.61
HG11 DVA A 1 1.97 1.46 4.21
HG12 DVA A 1 1.40 1.09 2.57
HG13 DVA A 1 1.52 2.78 3.11
HG21 DVA A 1 0.05 2.98 5.66
HG22 DVA A 1 -0.15 3.84 4.12
HG23 DVA A 1 -1.55 3.03 4.89
N MLE A 2 -2.61 -0.29 2.32
CN MLE A 2 -3.87 0.48 2.36
CA MLE A 2 -2.98 -1.69 2.05
CB MLE A 2 -4.08 -2.12 3.01
CG MLE A 2 -3.65 -1.85 4.45
CD1 MLE A 2 -4.81 -2.15 5.40
CD2 MLE A 2 -2.45 -2.73 4.80
C MLE A 2 -3.46 -1.81 0.62
O MLE A 2 -3.75 -0.81 -0.03
HN1 MLE A 2 -4.61 -0.01 1.72
HN2 MLE A 2 -4.24 0.52 3.37
HN3 MLE A 2 -3.68 1.49 1.99
HA MLE A 2 -2.10 -2.32 2.19
HB2 MLE A 2 -4.99 -1.56 2.79
HB3 MLE A 2 -4.27 -3.18 2.88
HG MLE A 2 -3.37 -0.80 4.55
HD11 MLE A 2 -4.97 -3.23 5.43
HD12 MLE A 2 -4.56 -1.79 6.39
HD13 MLE A 2 -5.71 -1.66 5.04
HD21 MLE A 2 -2.42 -2.90 5.87
HD22 MLE A 2 -2.55 -3.69 4.29
HD23 MLE A 2 -1.53 -2.25 4.48
N DPR A 3 -3.56 -3.04 0.14
CA DPR A 3 -4.02 -3.30 -1.23
CB DPR A 3 -4.39 -4.78 -1.29
CG DPR A 3 -3.30 -5.37 -0.36
CD DPR A 3 -3.25 -4.33 0.79
C DPR A 3 -2.94 -2.94 -2.21
O DPR A 3 -2.43 -3.81 -2.94
HA DPR A 3 -4.92 -2.72 -1.44
HB2 DPR A 3 -5.38 -4.96 -0.88
HB3 DPR A 3 -4.31 -5.17 -2.29
HG2 DPR A 3 -3.59 -6.35 0.01
HG3 DPR A 3 -2.34 -5.42 -0.87
HD2 DPR A 3 -2.27 -4.31 1.24
HD3 DPR A 3 -4.02 -4.57 1.54
N LEU A 4 -2.57 -1.67 -2.24
CA LEU A 4 -1.52 -1.20 -3.15
C LEU A 4 -0.16 -1.74 -2.75
N DVA A 5 0.23 -1.47 -1.50
CA DVA A 5 1.52 -1.94 -0.98
CB DVA A 5 1.32 -3.26 -0.22
CG1 DVA A 5 0.37 -3.03 0.95
CG2 DVA A 5 0.73 -4.31 -1.16
C DVA A 5 2.10 -0.91 -0.05
O DVA A 5 1.38 -0.27 0.71
H DVA A 5 -0.35 -0.95 -0.91
HA DVA A 5 2.21 -2.11 -1.81
HB DVA A 5 2.28 -3.60 0.15
HG11 DVA A 5 0.04 -3.99 1.34
HG12 DVA A 5 0.89 -2.48 1.74
HG13 DVA A 5 -0.49 -2.45 0.61
HG21 DVA A 5 0.76 -5.28 -0.68
HG22 DVA A 5 -0.31 -4.05 -1.39
HG23 DVA A 5 1.31 -4.33 -2.09
N MLE A 6 3.42 -0.74 -0.12
CN MLE A 6 4.45 -1.38 -0.93
CA MLE A 6 4.10 0.25 0.74
CB MLE A 6 4.79 -0.48 1.90
CG MLE A 6 3.85 -0.52 3.10
CD1 MLE A 6 3.80 -1.94 3.67
CD2 MLE A 6 4.35 0.44 4.18
C MLE A 6 5.13 0.98 -0.07
O MLE A 6 6.34 0.77 0.09
HN1 MLE A 6 4.65 -0.77 -1.81
HN2 MLE A 6 5.37 -1.48 -0.35
HN3 MLE A 6 4.12 -2.37 -1.24
HA MLE A 6 3.37 0.96 1.14
HB2 MLE A 6 5.03 -1.49 1.60
HB3 MLE A 6 5.70 0.05 2.17
HG MLE A 6 2.84 -0.22 2.80
HD11 MLE A 6 3.17 -1.96 4.56
HD12 MLE A 6 3.39 -2.62 2.92
HD13 MLE A 6 4.81 -2.25 3.93
HD21 MLE A 6 3.80 0.28 5.10
HD22 MLE A 6 5.42 0.26 4.36
HD23 MLE A 6 4.21 1.47 3.85
N DPR A 7 4.67 1.86 -0.95
CA DPR A 7 3.22 2.10 -1.11
CB DPR A 7 3.05 2.76 -2.44
CG DPR A 7 4.31 3.67 -2.48
CD DPR A 7 5.40 2.74 -1.89
C DPR A 7 2.70 2.94 0.02
O DPR A 7 3.42 3.20 0.99
HA DPR A 7 2.70 1.15 -1.15
HB2 DPR A 7 3.05 2.07 -3.28
HB3 DPR A 7 2.15 3.36 -2.43
HG2 DPR A 7 4.55 3.95 -3.52
HG3 DPR A 7 4.18 4.56 -1.87
HD2 DPR A 7 6.15 3.33 -1.36
HD3 DPR A 7 5.87 2.15 -2.68
N LEU A 8 1.45 3.36 -0.08
CA LEU A 8 0.83 4.18 0.95
C LEU A 8 -0.45 3.53 1.47
N DVA A 1 -0.49 2.18 1.63
CA DVA A 1 -1.07 1.53 2.81
CB DVA A 1 -0.11 1.67 4.00
CG1 DVA A 1 -0.14 3.10 4.52
CG2 DVA A 1 -0.53 0.71 5.11
C DVA A 1 -1.31 0.08 2.52
O DVA A 1 -0.37 -0.71 2.41
H1 DVA A 1 0.08 1.65 1.03
HA DVA A 1 -2.02 2.01 3.06
HB DVA A 1 0.90 1.42 3.67
HG11 DVA A 1 -1.07 3.58 4.22
HG12 DVA A 1 -0.08 3.09 5.61
HG13 DVA A 1 0.70 3.66 4.12
HG21 DVA A 1 -0.09 1.02 6.05
HG22 DVA A 1 -1.63 0.72 5.21
HG23 DVA A 1 -0.21 -0.31 4.86
N MLE A 2 -2.58 -0.30 2.39
CN MLE A 2 -3.83 0.45 2.49
CA MLE A 2 -2.95 -1.69 2.11
CB MLE A 2 -4.01 -2.15 3.10
CG MLE A 2 -3.51 -1.91 4.53
CD1 MLE A 2 -4.63 -2.27 5.52
CD2 MLE A 2 -2.29 -2.79 4.80
C MLE A 2 -3.49 -1.79 0.70
O MLE A 2 -3.87 -0.79 0.11
HN1 MLE A 2 -3.68 1.47 2.12
HN2 MLE A 2 -4.60 -0.04 1.88
HN3 MLE A 2 -4.15 0.50 3.53
HA MLE A 2 -2.06 -2.33 2.20
HB2 MLE A 2 -4.93 -1.59 2.93
HB3 MLE A 2 -4.21 -3.22 2.96
HG MLE A 2 -3.25 -0.86 4.65
HD11 MLE A 2 -4.36 -1.89 6.51
HD12 MLE A 2 -5.55 -1.81 5.20
HD13 MLE A 2 -4.75 -3.35 5.56
HD21 MLE A 2 -2.10 -2.83 5.87
HD22 MLE A 2 -2.47 -3.79 4.42
HD23 MLE A 2 -1.41 -2.35 4.30
N DPR A 3 -3.52 -3.01 0.17
CA DPR A 3 -4.04 -3.24 -1.19
CB DPR A 3 -4.52 -4.70 -1.15
CG DPR A 3 -4.13 -5.32 0.21
CD DPR A 3 -3.10 -4.31 0.75
C DPR A 3 -2.94 -2.98 -2.19
O DPR A 3 -2.43 -3.90 -2.83
HA DPR A 3 -4.89 -2.59 -1.39
HB2 DPR A 3 -5.60 -4.68 -1.29
HB3 DPR A 3 -4.04 -5.25 -1.97
HG2 DPR A 3 -5.01 -5.38 0.87
HG3 DPR A 3 -3.69 -6.30 0.08
HD2 DPR A 3 -2.09 -4.57 0.40
HD3 DPR A 3 -3.13 -4.27 1.84
N LEU A 4 -2.58 -1.70 -2.35
CA LEU A 4 -1.53 -1.32 -3.30
C LEU A 4 -0.17 -1.83 -2.84
N DVA A 5 0.21 -1.48 -1.62
CA DVA A 5 1.49 -1.91 -1.06
CB DVA A 5 1.30 -3.21 -0.28
CG1 DVA A 5 0.28 -3.00 0.84
CG2 DVA A 5 0.79 -4.30 -1.23
C DVA A 5 2.02 -0.85 -0.13
O DVA A 5 1.25 -0.15 0.52
H DVA A 5 -0.38 -0.92 -1.08
HA DVA A 5 2.21 -2.08 -1.86
HB DVA A 5 2.26 -3.53 0.14
HG11 DVA A 5 0.78 -2.53 1.69
HG12 DVA A 5 -0.51 -2.35 0.48
HG13 DVA A 5 -0.14 -3.96 1.14
HG21 DVA A 5 1.47 -4.40 -2.07
HG22 DVA A 5 0.74 -5.25 -0.69
HG23 DVA A 5 -0.20 -4.03 -1.59
N MLE A 6 3.34 -0.72 -0.08
CN MLE A 6 4.42 -1.44 -0.77
CA MLE A 6 3.99 0.28 0.78
CB MLE A 6 4.55 -0.40 2.03
CG MLE A 6 3.56 -0.30 3.17
CD1 MLE A 6 3.81 -1.42 4.18
CD2 MLE A 6 3.71 1.05 3.87
C MLE A 6 5.09 0.96 0.03
O MLE A 6 6.27 0.69 0.25
HN1 MLE A 6 5.28 -1.53 -0.10
HN2 MLE A 6 4.08 -2.43 -1.06
HN3 MLE A 6 4.72 -0.89 -1.66
HA MLE A 6 3.25 1.03 1.08
HB2 MLE A 6 4.74 -1.45 1.80
HB3 MLE A 6 5.49 0.07 2.31
HG MLE A 6 2.54 -0.39 2.78
HD11 MLE A 6 3.74 -2.38 3.68
HD12 MLE A 6 4.81 -1.31 4.61
HD13 MLE A 6 3.07 -1.38 4.98
HD21 MLE A 6 2.78 1.31 4.36
HD22 MLE A 6 4.51 0.99 4.61
HD23 MLE A 6 3.97 1.82 3.13
N DPR A 7 4.72 1.86 -0.88
CA DPR A 7 3.31 2.17 -1.13
CB DPR A 7 3.26 2.81 -2.50
CG DPR A 7 4.55 3.68 -2.44
CD DPR A 7 5.54 2.69 -1.78
C DPR A 7 2.77 3.05 -0.03
O DPR A 7 3.53 3.50 0.84
HA DPR A 7 2.73 1.24 -1.16
HB2 DPR A 7 3.32 2.08 -3.30
HB3 DPR A 7 2.38 3.45 -2.62
HG2 DPR A 7 4.88 3.95 -3.44
HG3 DPR A 7 4.40 4.56 -1.82
HD2 DPR A 7 6.30 3.23 -1.22
HD3 DPR A 7 6.03 2.07 -2.54
N LEU A 8 1.47 3.31 -0.05
CA LEU A 8 0.84 4.15 0.95
C LEU A 8 -0.47 3.52 1.44
N DVA A 1 -0.60 2.18 1.56
CA DVA A 1 -1.24 1.56 2.73
CB DVA A 1 -0.34 1.74 3.94
CG1 DVA A 1 1.13 1.65 3.52
CG2 DVA A 1 -0.60 3.10 4.59
C DVA A 1 -1.46 0.09 2.47
O DVA A 1 -0.51 -0.68 2.38
H1 DVA A 1 0.00 1.63 1.00
HA DVA A 1 -2.20 2.04 2.91
HB DVA A 1 -0.55 0.95 4.67
HG11 DVA A 1 1.22 0.98 2.66
HG12 DVA A 1 1.48 2.64 3.24
HG13 DVA A 1 1.73 1.27 4.34
HG21 DVA A 1 -0.11 3.15 5.55
HG22 DVA A 1 -0.21 3.88 3.94
HG23 DVA A 1 -1.68 3.23 4.72
N MLE A 2 -2.72 -0.29 2.33
CN MLE A 2 -3.98 0.44 2.38
CA MLE A 2 -3.07 -1.70 2.07
CB MLE A 2 -4.18 -2.14 3.03
CG MLE A 2 -3.75 -1.87 4.47
CD1 MLE A 2 -4.91 -2.16 5.42
CD2 MLE A 2 -2.57 -2.78 4.82
C MLE A 2 -3.54 -1.85 0.65
O MLE A 2 -3.93 -0.88 0.01
HN1 MLE A 2 -4.35 0.47 3.40
HN2 MLE A 2 -3.82 1.46 2.03
HN3 MLE A 2 -4.72 -0.04 1.75
HA MLE A 2 -2.19 -2.33 2.23
HB2 MLE A 2 -5.08 -1.57 2.81
HB3 MLE A 2 -4.38 -3.20 2.90
HG MLE A 2 -3.44 -0.83 4.57
HD11 MLE A 2 -4.54 -2.27 6.43
HD12 MLE A 2 -5.62 -1.33 5.38
HD13 MLE A 2 -5.41 -3.07 5.11
HD21 MLE A 2 -1.70 -2.51 4.22
HD22 MLE A 2 -2.33 -2.67 5.88
HD23 MLE A 2 -2.84 -3.81 4.63
N DPR A 3 -3.50 -3.08 0.14
CA DPR A 3 -3.93 -3.36 -1.23
CB DPR A 3 -4.23 -4.87 -1.27
CG DPR A 3 -3.99 -5.43 0.16
CD DPR A 3 -3.06 -4.35 0.76
C DPR A 3 -2.87 -2.92 -2.21
O DPR A 3 -2.35 -3.73 -2.98
HA DPR A 3 -4.87 -2.84 -1.44
HB2 DPR A 3 -5.27 -5.00 -1.56
HB3 DPR A 3 -3.56 -5.36 -1.98
HG2 DPR A 3 -4.92 -5.49 0.72
HG3 DPR A 3 -3.49 -6.40 0.12
HD2 DPR A 3 -2.02 -4.55 0.51
HD3 DPR A 3 -3.18 -4.31 1.84
N LEU A 4 -2.54 -1.63 -2.17
CA LEU A 4 -1.52 -1.08 -3.06
C LEU A 4 -0.14 -1.60 -2.70
N DVA A 5 0.22 -1.46 -1.42
CA DVA A 5 1.53 -1.93 -0.94
CB DVA A 5 1.35 -3.24 -0.16
CG1 DVA A 5 0.39 -3.01 1.00
CG2 DVA A 5 0.78 -4.31 -1.09
C DVA A 5 2.13 -0.89 -0.04
O DVA A 5 1.43 -0.24 0.73
H DVA A 5 -0.41 -1.05 -0.79
HA DVA A 5 2.19 -2.10 -1.79
HB DVA A 5 2.32 -3.56 0.22
HG11 DVA A 5 -0.51 -2.50 0.64
HG12 DVA A 5 0.12 -3.97 1.44
HG13 DVA A 5 0.87 -2.39 1.76
HG21 DVA A 5 -0.28 -4.44 -0.89
HG22 DVA A 5 0.91 -4.01 -2.13
HG23 DVA A 5 1.31 -5.25 -0.92
N MLE A 6 3.45 -0.72 -0.13
CN MLE A 6 4.46 -1.39 -0.96
CA MLE A 6 4.16 0.26 0.69
CB MLE A 6 4.86 -0.45 1.85
CG MLE A 6 3.96 -0.40 3.09
CD1 MLE A 6 2.96 -1.55 3.04
CD2 MLE A 6 4.83 -0.54 4.34
C MLE A 6 5.18 0.98 -0.15
O MLE A 6 6.38 0.75 -0.01
HN1 MLE A 6 4.65 -0.79 -1.85
HN2 MLE A 6 5.38 -1.50 -0.39
HN3 MLE A 6 4.09 -2.37 -1.26
HA MLE A 6 3.44 0.98 1.09
HB2 MLE A 6 5.05 -1.49 1.57
HB3 MLE A 6 5.81 0.04 2.06
HG MLE A 6 3.43 0.55 3.12
HD11 MLE A 6 1.95 -1.16 3.23
HD12 MLE A 6 2.98 -2.02 2.06
HD13 MLE A 6 3.22 -2.30 3.79
HD21 MLE A 6 5.09 0.46 4.72
HD22 MLE A 6 4.27 -1.08 5.12
HD23 MLE A 6 5.74 -1.09 4.10
N DPR A 7 4.70 1.85 -1.04
CA DPR A 7 3.25 2.09 -1.18
CB DPR A 7 3.09 2.79 -2.53
CG DPR A 7 4.48 2.81 -3.22
CD DPR A 7 5.42 2.70 -2.01
C DPR A 7 2.77 2.94 -0.03
O DPR A 7 3.54 3.29 0.87
HA DPR A 7 2.72 1.15 -1.20
HB2 DPR A 7 2.37 2.22 -3.12
HB3 DPR A 7 2.73 3.81 -2.36
HG2 DPR A 7 4.59 1.95 -3.88
HG3 DPR A 7 4.63 3.75 -3.76
HD2 DPR A 7 5.61 3.68 -1.58
HD3 DPR A 7 6.36 2.23 -2.30
N LEU A 8 1.48 3.27 -0.05
CA LEU A 8 0.88 4.08 1.00
C LEU A 8 -0.47 3.52 1.41
N DVA A 1 -0.60 2.18 1.56
CA DVA A 1 -1.24 1.56 2.73
CB DVA A 1 -0.34 1.74 3.94
CG1 DVA A 1 1.13 1.65 3.52
CG2 DVA A 1 -0.60 3.10 4.59
C DVA A 1 -1.46 0.09 2.47
O DVA A 1 -0.50 -0.68 2.39
H1 DVA A 1 0.00 1.64 1.00
HA DVA A 1 -2.20 2.04 2.91
HB DVA A 1 -0.55 0.95 4.67
HG11 DVA A 1 1.21 0.98 2.66
HG12 DVA A 1 1.48 2.64 3.24
HG13 DVA A 1 1.73 1.27 4.34
HG21 DVA A 1 -0.16 3.88 3.97
HG22 DVA A 1 -1.67 3.27 4.66
HG23 DVA A 1 -0.16 3.13 5.58
N MLE A 2 -2.72 -0.29 2.33
CN MLE A 2 -3.98 0.44 2.38
CA MLE A 2 -3.07 -1.70 2.07
CB MLE A 2 -4.18 -2.14 3.03
CG MLE A 2 -3.74 -1.86 4.47
CD1 MLE A 2 -4.91 -2.15 5.41
CD2 MLE A 2 -2.57 -2.78 4.82
C MLE A 2 -3.54 -1.85 0.65
O MLE A 2 -3.93 -0.88 0.01
HN1 MLE A 2 -3.82 1.46 2.03
HN2 MLE A 2 -4.72 -0.05 1.75
HN3 MLE A 2 -4.34 0.48 3.41
HA MLE A 2 -2.19 -2.33 2.23
HB2 MLE A 2 -5.08 -1.57 2.81
HB3 MLE A 2 -4.38 -3.20 2.90
HG MLE A 2 -3.44 -0.83 4.57
HD11 MLE A 2 -4.60 -1.96 6.44
HD12 MLE A 2 -5.75 -1.50 5.16
HD13 MLE A 2 -5.22 -3.19 5.31
HD21 MLE A 2 -2.30 -3.39 3.96
HD22 MLE A 2 -1.71 -2.17 5.12
HD23 MLE A 2 -2.86 -3.44 5.66
N DPR A 3 -3.50 -3.08 0.14
CA DPR A 3 -3.93 -3.36 -1.24
CB DPR A 3 -4.23 -4.87 -1.27
CG DPR A 3 -3.98 -5.43 0.16
CD DPR A 3 -3.06 -4.35 0.76
C DPR A 3 -2.87 -2.92 -2.21
O DPR A 3 -2.35 -3.72 -2.99
HA DPR A 3 -4.87 -2.84 -1.44
HB2 DPR A 3 -5.27 -5.00 -1.56
HB3 DPR A 3 -3.56 -5.36 -1.98
HG2 DPR A 3 -4.91 -5.49 0.71
HG3 DPR A 3 -3.48 -6.40 0.13
HD2 DPR A 3 -2.01 -4.55 0.51
HD3 DPR A 3 -3.18 -4.31 1.84
N LEU A 4 -2.54 -1.63 -2.17
CA LEU A 4 -1.52 -1.08 -3.06
C LEU A 4 -0.14 -1.60 -2.70
N DVA A 5 0.22 -1.47 -1.42
CA DVA A 5 1.52 -1.94 -0.94
CB DVA A 5 1.35 -3.24 -0.16
CG1 DVA A 5 0.40 -3.01 1.01
CG2 DVA A 5 0.78 -4.31 -1.09
C DVA A 5 2.13 -0.89 -0.04
O DVA A 5 1.43 -0.24 0.73
H DVA A 5 -0.40 -1.06 -0.79
HA DVA A 5 2.18 -2.11 -1.79
HB DVA A 5 2.31 -3.57 0.22
HG11 DVA A 5 0.12 -3.97 1.45
HG12 DVA A 5 0.88 -2.39 1.76
HG13 DVA A 5 -0.51 -2.51 0.65
HG21 DVA A 5 1.51 -4.58 -1.84
HG22 DVA A 5 0.53 -5.20 -0.51
HG23 DVA A 5 -0.12 -3.93 -1.58
N MLE A 6 3.45 -0.72 -0.13
CN MLE A 6 4.46 -1.39 -0.96
CA MLE A 6 4.15 0.26 0.69
CB MLE A 6 4.86 -0.45 1.85
CG MLE A 6 3.96 -0.40 3.09
CD1 MLE A 6 2.96 -1.56 3.04
CD2 MLE A 6 4.83 -0.53 4.35
C MLE A 6 5.18 0.98 -0.15
O MLE A 6 6.38 0.75 -0.01
HN1 MLE A 6 4.10 -2.37 -1.26
HN2 MLE A 6 4.65 -0.79 -1.85
HN3 MLE A 6 5.38 -1.50 -0.39
HA MLE A 6 3.44 0.98 1.09
HB2 MLE A 6 5.05 -1.49 1.57
HB3 MLE A 6 5.81 0.04 2.06
HG MLE A 6 3.42 0.54 3.11
HD11 MLE A 6 3.01 -2.04 2.07
HD12 MLE A 6 3.22 -2.29 3.82
HD13 MLE A 6 1.96 -1.18 3.22
HD21 MLE A 6 5.21 0.46 4.63
HD22 MLE A 6 4.23 -0.93 5.16
HD23 MLE A 6 5.67 -1.19 4.15
N DPR A 7 4.70 1.85 -1.04
CA DPR A 7 3.25 2.09 -1.18
CB DPR A 7 3.08 2.76 -2.53
CG DPR A 7 4.35 3.66 -2.57
CD DPR A 7 5.42 2.70 -2.01
C DPR A 7 2.77 2.94 -0.03
O DPR A 7 3.54 3.31 0.86
HA DPR A 7 2.72 1.14 -1.20
HB2 DPR A 7 3.10 2.03 -3.34
HB3 DPR A 7 2.18 3.36 -2.57
HG2 DPR A 7 4.59 3.95 -3.59
HG3 DPR A 7 4.22 4.53 -1.93
HD2 DPR A 7 6.20 3.27 -1.50
HD3 DPR A 7 5.85 2.09 -2.81
N LEU A 8 1.48 3.27 -0.05
CA LEU A 8 0.88 4.09 1.00
C LEU A 8 -0.47 3.52 1.41
N DVA A 1 -0.55 2.10 1.64
CA DVA A 1 -1.20 1.49 2.81
CB DVA A 1 -0.28 1.61 4.01
CG1 DVA A 1 1.18 1.50 3.58
CG2 DVA A 1 -0.50 2.96 4.71
C DVA A 1 -1.48 0.04 2.52
O DVA A 1 -0.57 -0.78 2.48
H1 DVA A 1 0.08 1.57 1.10
HA DVA A 1 -2.13 2.01 3.01
HB DVA A 1 -0.50 0.81 4.72
HG11 DVA A 1 1.45 2.39 3.00
HG12 DVA A 1 1.83 1.42 4.44
HG13 DVA A 1 1.30 0.61 2.95
HG21 DVA A 1 -1.57 3.08 4.93
HG22 DVA A 1 0.07 3.00 5.63
HG23 DVA A 1 -0.17 3.76 4.05
N MLE A 2 -2.76 -0.28 2.33
CN MLE A 2 -3.97 0.53 2.33
CA MLE A 2 -3.16 -1.67 2.04
CB MLE A 2 -4.33 -2.05 2.95
CG MLE A 2 -3.95 -1.81 4.41
CD1 MLE A 2 -5.16 -2.04 5.31
CD2 MLE A 2 -2.83 -2.78 4.80
C MLE A 2 -3.58 -1.78 0.60
O MLE A 2 -3.91 -0.78 -0.04
HN1 MLE A 2 -3.74 1.53 2.00
HN2 MLE A 2 -4.71 0.08 1.66
HN3 MLE A 2 -4.39 0.56 3.34
HA MLE A 2 -2.33 -2.34 2.22
HB2 MLE A 2 -5.20 -1.44 2.70
HB3 MLE A 2 -4.57 -3.10 2.80
HG MLE A 2 -3.59 -0.80 4.53
HD11 MLE A 2 -5.26 -1.22 6.01
HD12 MLE A 2 -6.06 -2.11 4.69
HD13 MLE A 2 -5.04 -2.99 5.86
HD21 MLE A 2 -2.78 -3.60 4.08
HD22 MLE A 2 -1.87 -2.25 4.81
HD23 MLE A 2 -3.03 -3.19 5.80
N DPR A 3 -3.59 -3.00 0.08
CA DPR A 3 -3.99 -3.25 -1.32
CB DPR A 3 -4.36 -4.74 -1.37
CG DPR A 3 -4.21 -5.32 0.06
CD DPR A 3 -3.24 -4.30 0.71
C DPR A 3 -2.86 -2.86 -2.24
O DPR A 3 -2.35 -3.69 -2.99
HA DPR A 3 -4.88 -2.68 -1.55
HB2 DPR A 3 -5.39 -4.81 -1.70
HB3 DPR A 3 -3.70 -5.25 -2.06
HG2 DPR A 3 -5.16 -5.34 0.58
HG3 DPR A 3 -3.76 -6.32 0.04
HD2 DPR A 3 -2.20 -4.55 0.49
HD3 DPR A 3 -3.40 -4.26 1.79
N LEU A 4 -2.47 -1.60 -2.18
CA LEU A 4 -1.38 -1.10 -3.03
C LEU A 4 -0.05 -1.70 -2.61
N DVA A 5 0.29 -1.58 -1.33
CA DVA A 5 1.55 -2.11 -0.80
CB DVA A 5 1.26 -3.40 -0.04
CG1 DVA A 5 0.17 -3.17 1.01
CG2 DVA A 5 0.79 -4.48 -1.02
C DVA A 5 2.17 -1.11 0.14
O DVA A 5 1.59 -0.75 1.15
H DVA A 5 -0.33 -1.11 -0.72
HA DVA A 5 2.23 -2.32 -1.63
HB DVA A 5 2.17 -3.74 0.45
HG11 DVA A 5 -0.61 -2.54 0.58
HG12 DVA A 5 -0.25 -4.12 1.32
HG13 DVA A 5 0.61 -2.67 1.87
HG21 DVA A 5 -0.13 -4.15 -1.51
HG22 DVA A 5 1.56 -4.66 -1.77
HG23 DVA A 5 0.59 -5.40 -0.48
N MLE A 6 3.36 -0.64 -0.23
CN MLE A 6 4.20 -0.91 -1.40
CA MLE A 6 4.07 0.35 0.60
CB MLE A 6 4.73 -0.36 1.78
CG MLE A 6 5.05 -1.80 1.40
CD1 MLE A 6 6.50 -1.91 0.94
CD2 MLE A 6 4.83 -2.71 2.62
C MLE A 6 5.13 1.03 -0.25
O MLE A 6 6.32 0.76 -0.09
HN1 MLE A 6 3.91 -1.87 -1.84
HN2 MLE A 6 4.09 -0.11 -2.12
HN3 MLE A 6 5.24 -0.97 -1.07
HA MLE A 6 3.37 1.09 0.96
HB2 MLE A 6 5.65 0.16 2.04
HB3 MLE A 6 4.05 -0.34 2.63
HG MLE A 6 4.39 -2.12 0.59
HD11 MLE A 6 6.53 -2.08 -0.13
HD12 MLE A 6 7.02 -0.98 1.17
HD13 MLE A 6 6.98 -2.73 1.46
HD21 MLE A 6 3.83 -2.55 3.01
HD22 MLE A 6 4.94 -3.74 2.31
HD23 MLE A 6 5.57 -2.47 3.38
N DPR A 7 4.70 1.91 -1.14
CA DPR A 7 3.26 2.21 -1.29
CB DPR A 7 3.12 2.90 -2.63
CG DPR A 7 4.43 3.75 -2.65
CD DPR A 7 5.46 2.74 -2.09
C DPR A 7 2.79 3.06 -0.14
O DPR A 7 3.59 3.56 0.66
HA DPR A 7 2.69 1.29 -1.33
HB2 DPR A 7 3.12 2.19 -3.46
HB3 DPR A 7 2.24 3.55 -2.68
HG2 DPR A 7 4.68 4.04 -3.68
HG3 DPR A 7 4.33 4.61 -2.01
HD2 DPR A 7 6.26 3.27 -1.58
HD3 DPR A 7 5.86 2.12 -2.89
N LEU A 8 1.47 3.24 -0.03
CA LEU A 8 0.88 4.03 1.04
C LEU A 8 -0.44 3.44 1.48
N DVA A 1 -0.31 2.05 1.69
CA DVA A 1 -0.97 1.45 2.85
CB DVA A 1 -0.06 1.54 4.07
CG1 DVA A 1 0.25 3.00 4.38
CG2 DVA A 1 -0.75 0.89 5.28
C DVA A 1 -1.26 -0.01 2.54
O DVA A 1 -0.35 -0.82 2.43
H1 DVA A 1 0.34 1.53 1.18
HA DVA A 1 -1.90 1.97 3.05
HB DVA A 1 0.88 1.00 3.87
HG11 DVA A 1 -0.67 3.57 4.36
HG12 DVA A 1 0.71 3.08 5.36
HG13 DVA A 1 0.94 3.40 3.63
HG21 DVA A 1 -0.26 1.22 6.20
HG22 DVA A 1 -1.79 1.20 5.30
HG23 DVA A 1 -0.69 -0.19 5.20
N MLE A 2 -2.55 -0.33 2.42
CN MLE A 2 -3.77 0.48 2.51
CA MLE A 2 -2.97 -1.70 2.12
CB MLE A 2 -4.05 -2.13 3.11
CG MLE A 2 -3.56 -1.90 4.54
CD1 MLE A 2 -4.68 -2.21 5.52
CD2 MLE A 2 -2.38 -2.84 4.82
C MLE A 2 -3.51 -1.77 0.72
O MLE A 2 -3.84 -0.75 0.12
HN1 MLE A 2 -3.57 1.49 2.14
HN2 MLE A 2 -4.55 0.02 1.91
HN3 MLE A 2 -4.09 0.53 3.55
HA MLE A 2 -2.11 -2.37 2.22
HB2 MLE A 2 -4.94 -1.53 2.94
HB3 MLE A 2 -4.29 -3.18 2.96
HG MLE A 2 -3.24 -0.88 4.66
HD11 MLE A 2 -4.38 -1.92 6.52
HD12 MLE A 2 -5.58 -1.65 5.24
HD13 MLE A 2 -4.91 -3.27 5.51
HD21 MLE A 2 -2.65 -3.86 4.58
HD22 MLE A 2 -1.52 -2.55 4.20
HD23 MLE A 2 -2.09 -2.77 5.87
N DPR A 3 -3.60 -2.99 0.18
CA DPR A 3 -4.11 -3.20 -1.18
CB DPR A 3 -4.67 -4.63 -1.15
CG DPR A 3 -4.34 -5.27 0.22
CD DPR A 3 -3.25 -4.30 0.76
C DPR A 3 -3.01 -2.98 -2.19
O DPR A 3 -2.50 -3.93 -2.76
HA DPR A 3 -4.93 -2.50 -1.38
HB2 DPR A 3 -5.75 -4.57 -1.29
HB3 DPR A 3 -4.21 -5.19 -1.96
HG2 DPR A 3 -5.21 -5.28 0.88
HG3 DPR A 3 -3.94 -6.27 0.10
HD2 DPR A 3 -2.26 -4.61 0.43
HD3 DPR A 3 -3.29 -4.26 1.85
N LEU A 4 -2.63 -1.72 -2.39
CA LEU A 4 -1.57 -1.39 -3.33
C LEU A 4 -0.23 -1.89 -2.84
N DVA A 5 0.21 -1.39 -1.69
CA DVA A 5 1.49 -1.79 -1.10
CB DVA A 5 1.31 -3.10 -0.33
CG1 DVA A 5 -0.08 -3.13 0.33
CG2 DVA A 5 1.44 -4.28 -1.29
C DVA A 5 1.97 -0.72 -0.16
O DVA A 5 1.17 0.02 0.42
H DVA A 5 -0.35 -0.73 -1.22
HA DVA A 5 2.22 -1.94 -1.90
HB DVA A 5 2.08 -3.18 0.44
HG11 DVA A 5 -0.80 -3.57 -0.36
HG12 DVA A 5 -0.03 -3.72 1.23
HG13 DVA A 5 -0.38 -2.10 0.57
HG21 DVA A 5 0.45 -4.52 -1.70
HG22 DVA A 5 2.10 -4.01 -2.11
HG23 DVA A 5 1.83 -5.15 -0.76
N MLE A 6 3.29 -0.62 -0.01
CN MLE A 6 4.39 -1.37 -0.60
CA MLE A 6 3.88 0.39 0.88
CB MLE A 6 4.33 -0.28 2.18
CG MLE A 6 3.23 -0.13 3.23
CD1 MLE A 6 3.25 -1.34 4.16
CD2 MLE A 6 3.47 1.14 4.05
C MLE A 6 5.08 1.01 0.21
O MLE A 6 6.23 0.72 0.54
HN1 MLE A 6 4.78 -0.84 -1.47
HN2 MLE A 6 5.20 -1.48 0.14
HN3 MLE A 6 4.05 -2.36 -0.91
HA MLE A 6 3.16 1.16 1.10
HB2 MLE A 6 4.52 -1.34 2.00
HB3 MLE A 6 5.24 0.19 2.55
HG MLE A 6 2.26 -0.07 2.74
HD11 MLE A 6 3.94 -1.16 4.98
HD12 MLE A 6 2.25 -1.51 4.57
HD13 MLE A 6 3.56 -2.22 3.61
HD21 MLE A 6 3.01 2.00 3.53
HD22 MLE A 6 3.02 1.03 5.03
HD23 MLE A 6 4.54 1.31 4.15
N DPR A 7 4.82 1.88 -0.77
CA DPR A 7 3.44 2.21 -1.16
CB DPR A 7 3.54 2.87 -2.54
CG DPR A 7 5.02 2.77 -2.98
CD DPR A 7 5.75 2.65 -1.62
C DPR A 7 2.82 3.12 -0.12
O DPR A 7 3.53 3.73 0.68
HA DPR A 7 2.85 1.30 -1.25
HB2 DPR A 7 2.89 2.32 -3.22
HB3 DPR A 7 3.23 3.91 -2.45
HG2 DPR A 7 5.19 1.89 -3.60
HG3 DPR A 7 5.33 3.69 -3.51
HD2 DPR A 7 5.93 3.64 -1.19
HD3 DPR A 7 6.69 2.11 -1.74
N LEU A 8 1.50 3.22 -0.15
CA LEU A 8 0.78 4.06 0.80
C LEU A 8 -0.46 3.35 1.34
N DVA A 1 -0.28 2.05 1.71
CA DVA A 1 -0.93 1.43 2.87
CB DVA A 1 0.01 1.50 4.07
CG1 DVA A 1 0.41 2.95 4.33
CG2 DVA A 1 -0.70 0.94 5.30
C DVA A 1 -1.24 -0.01 2.56
O DVA A 1 -0.33 -0.84 2.44
H1 DVA A 1 0.36 1.53 1.18
HA DVA A 1 -1.86 1.96 3.10
HB DVA A 1 0.91 0.91 3.87
HG11 DVA A 1 -0.39 3.62 3.99
HG12 DVA A 1 0.57 3.11 5.40
HG13 DVA A 1 1.32 3.18 3.79
HG21 DVA A 1 -0.18 1.29 6.21
HG22 DVA A 1 -1.73 1.29 5.33
HG23 DVA A 1 -0.68 -0.15 5.28
N MLE A 2 -2.52 -0.32 2.43
CN MLE A 2 -3.74 0.49 2.53
CA MLE A 2 -2.96 -1.70 2.13
CB MLE A 2 -4.05 -2.11 3.11
CG MLE A 2 -3.55 -1.91 4.54
CD1 MLE A 2 -4.69 -2.19 5.52
CD2 MLE A 2 -2.38 -2.85 4.81
C MLE A 2 -3.50 -1.75 0.72
O MLE A 2 -3.82 -0.72 0.13
HN1 MLE A 2 -3.53 1.50 2.17
HN2 MLE A 2 -4.53 0.05 1.92
HN3 MLE A 2 -4.07 0.54 3.57
HA MLE A 2 -2.11 -2.37 2.22
HB2 MLE A 2 -4.93 -1.50 2.95
HB3 MLE A 2 -4.29 -3.16 2.96
HG MLE A 2 -3.22 -0.88 4.66
HD11 MLE A 2 -4.26 -2.51 6.48
HD12 MLE A 2 -5.29 -1.30 5.67
HD13 MLE A 2 -5.31 -2.99 5.13
HD21 MLE A 2 -1.44 -2.33 4.66
HD22 MLE A 2 -2.44 -3.21 5.85
HD23 MLE A 2 -2.44 -3.71 4.13
N DPR A 3 -3.61 -2.96 0.18
CA DPR A 3 -4.12 -3.15 -1.19
CB DPR A 3 -4.71 -4.58 -1.16
CG DPR A 3 -4.37 -5.23 0.21
CD DPR A 3 -3.27 -4.28 0.75
C DPR A 3 -3.01 -2.97 -2.19
O DPR A 3 -2.50 -3.94 -2.75
HA DPR A 3 -4.92 -2.43 -1.39
HB2 DPR A 3 -5.78 -4.49 -1.29
HB3 DPR A 3 -4.27 -5.15 -1.97
HG2 DPR A 3 -5.24 -5.23 0.87
HG3 DPR A 3 -3.98 -6.24 0.08
HD2 DPR A 3 -2.29 -4.60 0.40
HD3 DPR A 3 -3.30 -4.25 1.84
N LEU A 4 -2.62 -1.72 -2.41
CA LEU A 4 -1.56 -1.40 -3.36
C LEU A 4 -0.21 -1.91 -2.84
N DVA A 5 0.22 -1.40 -1.69
CA DVA A 5 1.49 -1.80 -1.09
CB DVA A 5 1.29 -3.11 -0.32
CG1 DVA A 5 -0.10 -3.12 0.32
CG2 DVA A 5 1.43 -4.30 -1.27
C DVA A 5 1.96 -0.72 -0.15
O DVA A 5 1.17 0.00 0.43
H DVA A 5 -0.35 -0.73 -1.23
HA DVA A 5 2.23 -1.96 -1.88
HB DVA A 5 2.05 -3.19 0.47
HG11 DVA A 5 -0.82 -3.56 -0.38
HG12 DVA A 5 -0.07 -3.72 1.23
HG13 DVA A 5 -0.40 -2.11 0.56
HG21 DVA A 5 1.84 -5.15 -0.73
HG22 DVA A 5 0.45 -4.55 -1.68
HG23 DVA A 5 2.10 -4.03 -2.08
N MLE A 6 3.29 -0.62 0.00
CN MLE A 6 4.40 -1.37 -0.59
CA MLE A 6 3.88 0.39 0.89
CB MLE A 6 4.32 -0.28 2.19
CG MLE A 6 3.22 -0.14 3.23
CD1 MLE A 6 3.19 -1.39 4.11
CD2 MLE A 6 3.49 1.08 4.11
C MLE A 6 5.07 1.01 0.21
O MLE A 6 6.21 0.72 0.55
HN1 MLE A 6 4.05 -2.36 -0.89
HN2 MLE A 6 4.77 -0.84 -1.46
HN3 MLE A 6 5.20 -1.48 0.14
HA MLE A 6 3.14 1.16 1.10
HB2 MLE A 6 4.53 -1.33 2.00
HB3 MLE A 6 5.23 0.21 2.55
HG MLE A 6 2.26 -0.02 2.74
HD11 MLE A 6 2.27 -1.40 4.70
HD12 MLE A 6 3.22 -2.28 3.48
HD13 MLE A 6 4.05 -1.39 4.78
HD21 MLE A 6 4.56 1.24 4.20
HD22 MLE A 6 3.03 1.96 3.64
HD23 MLE A 6 3.05 0.94 5.09
N DPR A 7 4.80 1.88 -0.76
CA DPR A 7 3.42 2.20 -1.15
CB DPR A 7 3.51 2.87 -2.54
CG DPR A 7 4.99 2.78 -2.99
CD DPR A 7 5.73 2.66 -1.62
C DPR A 7 2.80 3.11 -0.13
O DPR A 7 3.50 3.70 0.70
HA DPR A 7 2.83 1.29 -1.24
HB2 DPR A 7 2.87 2.32 -3.23
HB3 DPR A 7 3.19 3.91 -2.45
HG2 DPR A 7 5.16 1.90 -3.60
HG3 DPR A 7 5.30 3.68 -3.51
HD2 DPR A 7 5.90 3.64 -1.19
HD3 DPR A 7 6.66 2.13 -1.74
N LEU A 8 1.47 3.23 -0.16
CA LEU A 8 0.75 4.07 0.78
C LEU A 8 -0.46 3.34 1.35
N DVA A 1 -0.31 2.11 1.69
CA DVA A 1 -0.95 1.47 2.84
CB DVA A 1 -0.03 1.57 4.06
CG1 DVA A 1 0.16 3.04 4.44
CG2 DVA A 1 -0.64 0.82 5.24
C DVA A 1 -1.22 0.02 2.54
O DVA A 1 -0.29 -0.78 2.42
H1 DVA A 1 0.31 1.58 1.14
HA DVA A 1 -1.89 1.97 3.06
HB DVA A 1 0.94 1.13 3.82
HG11 DVA A 1 0.45 3.11 5.48
HG12 DVA A 1 0.95 3.47 3.82
HG13 DVA A 1 -0.77 3.58 4.28
HG21 DVA A 1 -1.71 1.06 5.30
HG22 DVA A 1 -0.53 -0.25 5.09
HG23 DVA A 1 -0.15 1.11 6.16
N MLE A 2 -2.49 -0.33 2.41
CN MLE A 2 -3.73 0.46 2.51
CA MLE A 2 -2.89 -1.71 2.11
CB MLE A 2 -3.95 -2.16 3.13
CG MLE A 2 -3.42 -1.96 4.54
CD1 MLE A 2 -4.47 -1.24 5.38
CD2 MLE A 2 -3.12 -3.32 5.17
C MLE A 2 -3.46 -1.77 0.72
O MLE A 2 -3.82 -0.76 0.14
HN1 MLE A 2 -4.04 0.52 3.57
HN2 MLE A 2 -3.56 1.45 2.13
HN3 MLE A 2 -4.52 -0.03 1.94
HA MLE A 2 -2.02 -2.36 2.19
HB2 MLE A 2 -4.86 -1.57 2.98
HB3 MLE A 2 -4.18 -3.22 2.96
HG MLE A 2 -2.51 -1.37 4.51
HD11 MLE A 2 -4.17 -0.20 5.52
HD12 MLE A 2 -5.44 -1.27 4.87
HD13 MLE A 2 -4.56 -1.72 6.35
HD21 MLE A 2 -2.17 -3.29 5.69
HD22 MLE A 2 -3.92 -3.57 5.88
HD23 MLE A 2 -3.09 -4.09 4.39
N DPR A 3 -3.54 -2.99 0.18
CA DPR A 3 -4.07 -3.20 -1.18
CB DPR A 3 -4.61 -4.64 -1.14
CG DPR A 3 -4.22 -5.28 0.22
CD DPR A 3 -3.14 -4.31 0.74
C DPR A 3 -2.98 -2.97 -2.19
O DPR A 3 -2.47 -3.92 -2.79
HA DPR A 3 -4.89 -2.51 -1.36
HB2 DPR A 3 -5.69 -4.58 -1.24
HB3 DPR A 3 -4.17 -5.19 -1.97
HG2 DPR A 3 -5.08 -5.32 0.90
HG3 DPR A 3 -3.81 -6.29 0.08
HD2 DPR A 3 -2.16 -4.59 0.38
HD3 DPR A 3 -3.15 -4.27 1.83
N LEU A 4 -2.62 -1.71 -2.39
CA LEU A 4 -1.57 -1.36 -3.35
C LEU A 4 -0.21 -1.84 -2.88
N DVA A 5 0.16 -1.43 -1.67
CA DVA A 5 1.45 -1.82 -1.10
CB DVA A 5 1.29 -3.14 -0.32
CG1 DVA A 5 0.19 -2.98 0.74
CG2 DVA A 5 0.89 -4.26 -1.29
C DVA A 5 1.92 -0.75 -0.15
O DVA A 5 1.13 -0.01 0.42
H DVA A 5 -0.44 -0.86 -1.15
HA DVA A 5 2.18 -1.96 -1.88
HB DVA A 5 2.23 -3.39 0.17
HG11 DVA A 5 -0.47 -2.17 0.45
HG12 DVA A 5 -0.37 -3.90 0.82
HG13 DVA A 5 0.65 -2.74 1.70
HG21 DVA A 5 0.98 -5.22 -0.79
HG22 DVA A 5 -0.13 -4.10 -1.62
HG23 DVA A 5 1.55 -4.24 -2.15
N MLE A 6 3.24 -0.66 0.01
CN MLE A 6 4.36 -1.42 -0.57
CA MLE A 6 3.85 0.35 0.89
CB MLE A 6 4.28 -0.31 2.20
CG MLE A 6 3.17 -0.15 3.24
CD1 MLE A 6 3.06 -1.43 4.06
CD2 MLE A 6 3.51 1.02 4.17
C MLE A 6 5.04 0.97 0.21
O MLE A 6 6.18 0.67 0.56
HN1 MLE A 6 5.15 -1.51 0.16
HN2 MLE A 6 4.00 -2.41 -0.86
HN3 MLE A 6 4.73 -0.90 -1.45
HA MLE A 6 3.10 1.13 1.10
HB2 MLE A 6 4.47 -1.37 2.03
HB3 MLE A 6 5.19 0.16 2.56
HG MLE A 6 2.22 0.05 2.75
HD11 MLE A 6 2.91 -2.28 3.40
HD12 MLE A 6 3.99 -1.58 4.62
HD13 MLE A 6 2.23 -1.35 4.75
HD21 MLE A 6 3.44 1.95 3.62
HD22 MLE A 6 2.82 1.03 5.00
HD23 MLE A 6 4.53 0.91 4.55
N DPR A 7 4.77 1.84 -0.75
CA DPR A 7 3.40 2.18 -1.13
CB DPR A 7 3.50 2.81 -2.52
CG DPR A 7 4.80 3.62 -2.36
CD DPR A 7 5.71 2.62 -1.61
C DPR A 7 2.79 3.10 -0.11
O DPR A 7 3.50 3.68 0.73
HA DPR A 7 2.80 1.27 -1.22
HB2 DPR A 7 3.59 2.06 -3.30
HB3 DPR A 7 2.65 3.48 -2.72
HG2 DPR A 7 5.23 3.87 -3.34
HG3 DPR A 7 4.64 4.52 -1.77
HD2 DPR A 7 6.44 3.15 -0.99
HD3 DPR A 7 6.22 1.96 -2.31
N LEU A 8 1.47 3.25 -0.16
CA LEU A 8 0.76 4.11 0.78
C LEU A 8 -0.46 3.40 1.36
N DVA A 1 -0.23 2.03 1.73
CA DVA A 1 -0.85 1.39 2.90
CB DVA A 1 0.14 1.43 4.07
CG1 DVA A 1 0.49 2.88 4.39
CG2 DVA A 1 -0.50 0.77 5.30
C DVA A 1 -1.19 -0.04 2.58
O DVA A 1 -0.29 -0.89 2.44
H1 DVA A 1 0.37 1.51 1.17
HA DVA A 1 -1.76 1.92 3.17
HB DVA A 1 1.04 0.89 3.81
HG11 DVA A 1 0.51 3.02 5.48
HG12 DVA A 1 1.47 3.12 3.98
HG13 DVA A 1 -0.26 3.54 3.96
HG21 DVA A 1 -1.54 1.08 5.38
HG22 DVA A 1 -0.45 -0.32 5.19
HG23 DVA A 1 0.05 1.08 6.19
N MLE A 2 -2.48 -0.33 2.45
CN MLE A 2 -3.68 0.52 2.56
CA MLE A 2 -2.95 -1.68 2.14
CB MLE A 2 -4.05 -2.08 3.11
CG MLE A 2 -3.54 -1.91 4.54
CD1 MLE A 2 -4.68 -2.18 5.52
CD2 MLE A 2 -2.40 -2.90 4.81
C MLE A 2 -3.48 -1.72 0.73
O MLE A 2 -3.78 -0.67 0.14
HN1 MLE A 2 -3.45 1.53 2.23
HN2 MLE A 2 -4.48 0.11 1.94
HN3 MLE A 2 -4.01 0.54 3.60
HA MLE A 2 -2.11 -2.38 2.22
HB2 MLE A 2 -4.92 -1.46 2.95
HB3 MLE A 2 -4.31 -3.12 2.95
HG MLE A 2 -3.18 -0.89 4.68
HD11 MLE A 2 -4.55 -1.56 6.42
HD12 MLE A 2 -5.64 -1.94 5.05
HD13 MLE A 2 -4.67 -3.23 5.82
HD21 MLE A 2 -2.44 -3.23 5.85
HD22 MLE A 2 -2.50 -3.76 4.15
HD23 MLE A 2 -1.44 -2.41 4.61
N DPR A 3 -3.61 -2.92 0.18
CA DPR A 3 -4.13 -3.09 -1.19
CB DPR A 3 -4.77 -4.49 -1.16
CG DPR A 3 -4.43 -5.17 0.19
CD DPR A 3 -3.31 -4.25 0.73
C DPR A 3 -3.01 -2.96 -2.18
O DPR A 3 -2.50 -3.95 -2.70
HA DPR A 3 -4.90 -2.33 -1.39
HB2 DPR A 3 -5.84 -4.36 -1.27
HB3 DPR A 3 -4.37 -5.06 -1.99
HG2 DPR A 3 -5.30 -5.16 0.85
HG3 DPR A 3 -4.07 -6.19 0.04
HD2 DPR A 3 -2.34 -4.60 0.38
HD3 DPR A 3 -3.34 -4.23 1.83
N LEU A 4 -2.61 -1.72 -2.47
CA LEU A 4 -1.52 -1.46 -3.41
C LEU A 4 -0.19 -1.95 -2.85
N DVA A 5 0.21 -1.41 -1.71
CA DVA A 5 1.47 -1.81 -1.08
CB DVA A 5 1.26 -3.09 -0.29
CG1 DVA A 5 -0.14 -3.10 0.31
CG2 DVA A 5 1.43 -4.29 -1.21
C DVA A 5 1.92 -0.70 -0.16
O DVA A 5 1.11 0.04 0.39
H DVA A 5 -0.36 -0.74 -1.28
HA DVA A 5 2.22 -1.97 -1.85
HB DVA A 5 1.99 -3.14 0.52
HG11 DVA A 5 -0.84 -3.56 -0.39
HG12 DVA A 5 -0.15 -3.68 1.24
HG13 DVA A 5 -0.46 -2.08 0.53
HG21 DVA A 5 1.91 -5.11 -0.67
HG22 DVA A 5 0.45 -4.63 -1.56
HG23 DVA A 5 2.05 -4.02 -2.06
N MLE A 6 3.24 -0.61 0.04
CN MLE A 6 4.36 -1.38 -0.50
CA MLE A 6 3.82 0.43 0.91
CB MLE A 6 4.23 -0.21 2.24
CG MLE A 6 4.20 0.84 3.34
CD1 MLE A 6 4.13 0.16 4.71
CD2 MLE A 6 5.46 1.69 3.26
C MLE A 6 5.02 1.02 0.25
O MLE A 6 6.16 0.73 0.63
HN1 MLE A 6 4.01 -2.36 -0.81
HN2 MLE A 6 4.79 -0.86 -1.36
HN3 MLE A 6 5.13 -1.50 0.27
HA MLE A 6 3.07 1.20 1.10
HB2 MLE A 6 3.52 -1.02 2.49
HB3 MLE A 6 5.23 -0.62 2.16
HG MLE A 6 3.32 1.48 3.21
HD11 MLE A 6 3.47 -0.70 4.66
HD12 MLE A 6 5.12 -0.17 5.00
HD13 MLE A 6 3.76 0.86 5.45
HD21 MLE A 6 6.30 1.07 2.95
HD22 MLE A 6 5.32 2.49 2.54
HD23 MLE A 6 5.67 2.12 4.24
N DPR A 7 4.78 1.88 -0.75
CA DPR A 7 3.41 2.21 -1.16
CB DPR A 7 3.54 2.82 -2.55
CG DPR A 7 4.85 3.63 -2.38
CD DPR A 7 5.73 2.64 -1.59
C DPR A 7 2.78 3.14 -0.17
O DPR A 7 3.47 3.80 0.60
HA DPR A 7 2.82 1.29 -1.25
HB2 DPR A 7 3.65 2.05 -3.32
HB3 DPR A 7 2.71 3.48 -2.78
HG2 DPR A 7 5.30 3.86 -3.35
HG3 DPR A 7 4.68 4.54 -1.81
HD2 DPR A 7 6.45 3.17 -0.97
HD3 DPR A 7 6.25 1.97 -2.27
N LEU A 8 1.45 3.19 -0.17
CA LEU A 8 0.71 4.05 0.74
C LEU A 8 -0.46 3.31 1.37
N DVA A 1 -0.55 2.12 1.58
CA DVA A 1 -1.29 1.46 2.67
CB DVA A 1 -0.48 1.57 3.96
CG1 DVA A 1 1.01 1.43 3.65
CG2 DVA A 1 -0.74 2.92 4.61
C DVA A 1 -1.50 0.01 2.31
O DVA A 1 -0.55 -0.72 2.04
H1 DVA A 1 0.05 1.59 1.01
HA DVA A 1 -2.25 1.94 2.79
HB DVA A 1 -0.79 0.76 4.64
HG11 DVA A 1 1.56 1.29 4.58
HG12 DVA A 1 1.17 0.56 3.00
HG13 DVA A 1 1.36 2.32 3.14
HG21 DVA A 1 -0.46 2.87 5.67
HG22 DVA A 1 -0.15 3.68 4.11
HG23 DVA A 1 -1.80 3.16 4.53
N MLE A 2 -2.75 -0.42 2.32
CN MLE A 2 -4.02 0.27 2.61
CA MLE A 2 -3.10 -1.81 2.00
CB MLE A 2 -4.04 -2.36 3.07
CG MLE A 2 -3.41 -2.18 4.44
CD1 MLE A 2 -4.40 -2.60 5.53
CD2 MLE A 2 -2.15 -3.05 4.55
C MLE A 2 -3.78 -1.86 0.66
O MLE A 2 -4.32 -0.86 0.19
HN1 MLE A 2 -4.84 -0.22 2.08
HN2 MLE A 2 -4.21 0.25 3.69
HN3 MLE A 2 -3.95 1.31 2.29
HA MLE A 2 -2.19 -2.41 1.97
HB2 MLE A 2 -4.98 -1.83 3.04
HB3 MLE A 2 -4.22 -3.42 2.88
HG MLE A 2 -3.13 -1.13 4.59
HD11 MLE A 2 -4.65 -3.65 5.41
HD12 MLE A 2 -3.96 -2.45 6.51
HD13 MLE A 2 -5.30 -1.99 5.44
HD21 MLE A 2 -2.27 -3.93 3.92
HD22 MLE A 2 -1.29 -2.48 4.21
HD23 MLE A 2 -2.01 -3.36 5.59
N DPR A 3 -3.76 -3.03 0.03
CA DPR A 3 -4.39 -3.21 -1.29
CB DPR A 3 -4.56 -4.74 -1.46
CG DPR A 3 -4.09 -5.40 -0.14
CD DPR A 3 -3.16 -4.32 0.45
C DPR A 3 -3.51 -2.60 -2.36
O DPR A 3 -3.83 -2.69 -3.55
HA DPR A 3 -5.37 -2.75 -1.30
HB2 DPR A 3 -5.61 -4.94 -1.64
HB3 DPR A 3 -3.94 -5.06 -2.30
HG2 DPR A 3 -4.94 -5.58 0.53
HG3 DPR A 3 -3.55 -6.33 -0.34
HD2 DPR A 3 -2.15 -4.41 0.04
HD3 DPR A 3 -3.13 -4.38 1.54
N LEU A 4 -2.42 -2.00 -1.95
CA LEU A 4 -1.49 -1.37 -2.88
C LEU A 4 -0.05 -1.78 -2.58
N DVA A 5 0.38 -1.54 -1.35
CA DVA A 5 1.75 -1.90 -0.93
CB DVA A 5 1.71 -3.21 -0.15
CG1 DVA A 5 0.73 -3.09 1.01
CG2 DVA A 5 1.27 -4.34 -1.07
C DVA A 5 2.31 -0.81 -0.06
O DVA A 5 1.57 -0.14 0.67
H DVA A 5 -0.22 -1.12 -0.70
HA DVA A 5 2.37 -2.01 -1.82
HB DVA A 5 2.71 -3.43 0.24
HG11 DVA A 5 -0.25 -2.83 0.63
HG12 DVA A 5 0.68 -4.04 1.54
HG13 DVA A 5 1.08 -2.31 1.70
HG21 DVA A 5 1.49 -5.31 -0.61
HG22 DVA A 5 0.20 -4.27 -1.26
HG23 DVA A 5 1.81 -4.27 -2.02
N MLE A 6 3.62 -0.60 -0.14
CN MLE A 6 4.66 -1.26 -0.93
CA MLE A 6 4.29 0.43 0.67
CB MLE A 6 5.00 -0.21 1.85
CG MLE A 6 4.08 -0.17 3.07
CD1 MLE A 6 4.41 -1.35 3.99
CD2 MLE A 6 4.29 1.14 3.83
C MLE A 6 5.29 1.16 -0.19
O MLE A 6 6.50 0.95 -0.05
HN1 MLE A 6 5.57 -1.32 -0.35
HN2 MLE A 6 4.33 -2.27 -1.19
HN3 MLE A 6 4.84 -0.69 -1.84
HA MLE A 6 3.55 1.14 1.03
HB2 MLE A 6 5.23 -1.25 1.61
HB3 MLE A 6 5.91 0.32 2.07
HG MLE A 6 3.05 -0.26 2.76
HD11 MLE A 6 4.83 -2.17 3.42
HD12 MLE A 6 5.14 -1.03 4.75
HD13 MLE A 6 3.51 -1.69 4.50
HD21 MLE A 6 3.92 1.03 4.85
HD22 MLE A 6 5.35 1.37 3.85
HD23 MLE A 6 3.75 1.94 3.33
N DPR A 7 4.80 2.01 -1.08
CA DPR A 7 3.35 2.24 -1.22
CB DPR A 7 3.15 2.88 -2.58
CG DPR A 7 4.41 3.80 -2.64
CD DPR A 7 5.50 2.87 -2.06
C DPR A 7 2.85 3.09 -0.08
O DPR A 7 3.64 3.62 0.70
HA DPR A 7 2.82 1.28 -1.22
HB2 DPR A 7 3.18 2.14 -3.39
HB3 DPR A 7 2.24 3.47 -2.62
HG2 DPR A 7 4.64 4.09 -3.66
HG3 DPR A 7 4.27 4.68 -2.00
HD2 DPR A 7 6.27 3.45 -1.56
HD3 DPR A 7 5.94 2.25 -2.86
N LEU A 8 1.54 3.23 0.02
CA LEU A 8 0.92 4.03 1.07
C LEU A 8 -0.44 3.47 1.46
N DVA A 1 -0.37 2.09 1.77
CA DVA A 1 -1.39 1.49 2.63
CB DVA A 1 -0.96 1.60 4.09
CG1 DVA A 1 0.56 1.57 4.18
CG2 DVA A 1 -1.47 2.92 4.68
C DVA A 1 -1.56 0.04 2.27
O DVA A 1 -0.59 -0.64 1.93
H1 DVA A 1 0.30 1.52 1.35
HA DVA A 1 -2.34 2.01 2.49
HB DVA A 1 -1.38 0.77 4.67
HG11 DVA A 1 0.86 1.45 5.23
HG12 DVA A 1 0.94 0.73 3.60
HG13 DVA A 1 0.98 2.50 3.79
HG21 DVA A 1 -1.02 3.76 4.14
HG22 DVA A 1 -2.56 2.98 4.57
HG23 DVA A 1 -1.21 2.99 5.73
N MLE A 2 -2.79 -0.44 2.33
CN MLE A 2 -4.07 0.19 2.70
CA MLE A 2 -3.09 -1.85 2.00
CB MLE A 2 -4.00 -2.44 3.07
CG MLE A 2 -3.34 -2.29 4.44
CD1 MLE A 2 -4.35 -2.65 5.53
CD2 MLE A 2 -2.14 -3.22 4.53
C MLE A 2 -3.78 -1.90 0.66
O MLE A 2 -4.35 -0.92 0.20
HN1 MLE A 2 -4.03 1.25 2.47
HN2 MLE A 2 -4.88 -0.27 2.13
HN3 MLE A 2 -4.25 0.05 3.76
HA MLE A 2 -2.17 -2.41 1.96
HB2 MLE A 2 -4.96 -1.91 3.08
HB3 MLE A 2 -4.17 -3.49 2.86
HG MLE A 2 -3.02 -1.26 4.59
HD11 MLE A 2 -4.89 -1.76 5.85
HD12 MLE A 2 -5.06 -3.38 5.15
HD13 MLE A 2 -3.82 -3.07 6.39
HD21 MLE A 2 -2.29 -3.94 5.33
HD22 MLE A 2 -2.02 -3.75 3.59
HD23 MLE A 2 -1.24 -2.64 4.73
N DPR A 3 -3.73 -3.08 0.03
CA DPR A 3 -4.37 -3.27 -1.29
CB DPR A 3 -4.53 -4.77 -1.44
CG DPR A 3 -3.21 -5.26 -0.80
CD DPR A 3 -3.10 -4.35 0.44
C DPR A 3 -3.52 -2.65 -2.36
O DPR A 3 -3.84 -2.74 -3.54
HA DPR A 3 -5.37 -2.83 -1.28
HB2 DPR A 3 -5.38 -5.15 -0.88
HB3 DPR A 3 -4.58 -5.06 -2.49
HG2 DPR A 3 -3.27 -6.31 -0.51
HG3 DPR A 3 -2.36 -5.10 -1.47
HD2 DPR A 3 -2.05 -4.18 0.71
HD3 DPR A 3 -3.64 -4.79 1.29
N LEU A 4 -2.44 -1.99 -1.95
CA LEU A 4 -1.54 -1.35 -2.89
C LEU A 4 -0.09 -1.73 -2.60
N DVA A 5 0.34 -1.51 -1.36
CA DVA A 5 1.71 -1.83 -0.95
CB DVA A 5 1.72 -3.14 -0.16
CG1 DVA A 5 0.72 -3.05 0.99
CG2 DVA A 5 1.31 -4.29 -1.08
C DVA A 5 2.26 -0.73 -0.09
O DVA A 5 1.50 -0.01 0.57
H DVA A 5 -0.27 -1.13 -0.70
HA DVA A 5 2.34 -1.94 -1.84
HB DVA A 5 2.72 -3.33 0.23
HG11 DVA A 5 -0.27 -2.82 0.61
HG12 DVA A 5 0.70 -3.99 1.54
HG13 DVA A 5 1.03 -2.25 1.67
HG21 DVA A 5 1.74 -5.23 -0.70
HG22 DVA A 5 0.23 -4.37 -1.13
HG23 DVA A 5 1.70 -4.11 -2.09
N MLE A 6 3.58 -0.57 -0.10
CN MLE A 6 4.64 -1.30 -0.80
CA MLE A 6 4.23 0.47 0.70
CB MLE A 6 4.87 -0.15 1.93
CG MLE A 6 4.83 0.84 3.10
CD1 MLE A 6 5.29 0.15 4.38
CD2 MLE A 6 5.76 2.02 2.79
C MLE A 6 5.29 1.15 -0.13
O MLE A 6 6.49 0.91 0.07
HN1 MLE A 6 4.29 -2.29 -1.07
HN2 MLE A 6 4.91 -0.75 -1.71
HN3 MLE A 6 5.51 -1.37 -0.15
HA MLE A 6 3.49 1.21 1.02
HB2 MLE A 6 4.32 -1.06 2.21
HB3 MLE A 6 5.90 -0.41 1.72
HG MLE A 6 3.81 1.21 3.22
HD11 MLE A 6 4.44 -0.38 4.82
HD12 MLE A 6 6.08 -0.56 4.15
HD13 MLE A 6 5.64 0.89 5.09
HD21 MLE A 6 6.00 2.54 3.72
HD22 MLE A 6 6.67 1.64 2.35
HD23 MLE A 6 5.27 2.70 2.11
N DPR A 7 4.86 2.00 -1.06
CA DPR A 7 3.42 2.25 -1.26
CB DPR A 7 3.30 2.92 -2.64
CG DPR A 7 4.72 2.88 -3.28
CD DPR A 7 5.63 2.80 -2.03
C DPR A 7 2.90 3.13 -0.15
O DPR A 7 3.68 3.75 0.58
HA DPR A 7 2.88 1.31 -1.28
HB2 DPR A 7 2.60 2.35 -3.24
HB3 DPR A 7 2.96 3.94 -2.51
HG2 DPR A 7 4.84 2.00 -3.91
HG3 DPR A 7 4.91 3.80 -3.85
HD2 DPR A 7 5.81 3.80 -1.63
HD3 DPR A 7 6.57 2.32 -2.27
N LEU A 8 1.58 3.19 -0.03
CA LEU A 8 0.95 4.01 1.00
C LEU A 8 -0.39 3.40 1.43
N DVA A 1 -0.37 2.09 1.77
CA DVA A 1 -1.39 1.49 2.63
CB DVA A 1 -0.95 1.60 4.09
CG1 DVA A 1 0.58 1.56 4.16
CG2 DVA A 1 -1.45 2.93 4.68
C DVA A 1 -1.56 0.03 2.27
O DVA A 1 -0.59 -0.64 1.93
H1 DVA A 1 0.30 1.52 1.34
HA DVA A 1 -2.34 2.01 2.49
HB DVA A 1 -1.37 0.78 4.67
HG11 DVA A 1 0.95 0.72 3.59
HG12 DVA A 1 0.99 2.49 3.77
HG13 DVA A 1 0.89 1.46 5.21
HG21 DVA A 1 -1.19 2.98 5.73
HG22 DVA A 1 -1.00 3.76 4.14
HG23 DVA A 1 -2.54 2.98 4.56
N MLE A 2 -2.79 -0.44 2.33
CN MLE A 2 -4.07 0.19 2.70
CA MLE A 2 -3.09 -1.84 2.00
CB MLE A 2 -4.00 -2.44 3.08
CG MLE A 2 -3.33 -2.28 4.45
CD1 MLE A 2 -4.34 -2.65 5.54
CD2 MLE A 2 -2.13 -3.22 4.54
C MLE A 2 -3.78 -1.91 0.67
O MLE A 2 -4.36 -0.92 0.20
HN1 MLE A 2 -4.87 -0.28 2.14
HN2 MLE A 2 -4.25 0.05 3.77
HN3 MLE A 2 -4.02 1.25 2.48
HA MLE A 2 -2.17 -2.41 1.96
HB2 MLE A 2 -4.96 -1.92 3.08
HB3 MLE A 2 -4.17 -3.49 2.87
HG MLE A 2 -3.01 -1.26 4.58
HD11 MLE A 2 -4.21 -1.98 6.39
HD12 MLE A 2 -5.36 -2.54 5.16
HD13 MLE A 2 -4.19 -3.68 5.86
HD21 MLE A 2 -2.46 -4.25 4.39
HD22 MLE A 2 -1.40 -2.95 3.77
HD23 MLE A 2 -1.67 -3.12 5.51
N DPR A 3 -3.73 -3.08 0.03
CA DPR A 3 -4.37 -3.28 -1.28
CB DPR A 3 -4.53 -4.78 -1.43
CG DPR A 3 -3.20 -5.27 -0.81
CD DPR A 3 -3.10 -4.35 0.45
C DPR A 3 -3.53 -2.65 -2.35
O DPR A 3 -3.84 -2.74 -3.54
HA DPR A 3 -5.37 -2.83 -1.28
HB2 DPR A 3 -5.38 -5.16 -0.88
HB3 DPR A 3 -4.58 -5.07 -2.48
HG2 DPR A 3 -3.26 -6.32 -0.51
HG3 DPR A 3 -2.36 -5.09 -1.48
HD2 DPR A 3 -2.05 -4.18 0.71
HD3 DPR A 3 -3.63 -4.79 1.28
N LEU A 4 -2.44 -1.99 -1.95
CA LEU A 4 -1.54 -1.34 -2.89
C LEU A 4 -0.09 -1.72 -2.61
N DVA A 5 0.34 -1.51 -1.36
CA DVA A 5 1.71 -1.83 -0.96
CB DVA A 5 1.71 -3.14 -0.17
CG1 DVA A 5 0.72 -3.05 0.99
CG2 DVA A 5 1.32 -4.29 -1.09
C DVA A 5 2.25 -0.72 -0.10
O DVA A 5 1.49 -0.01 0.56
H DVA A 5 -0.28 -1.14 -0.71
HA DVA A 5 2.34 -1.93 -1.84
HB DVA A 5 2.73 -3.33 0.22
HG11 DVA A 5 -0.27 -2.83 0.59
HG12 DVA A 5 0.70 -4.00 1.53
HG13 DVA A 5 1.03 -2.25 1.67
HG21 DVA A 5 1.93 -4.27 -1.99
HG22 DVA A 5 1.47 -5.24 -0.58
HG23 DVA A 5 0.27 -4.19 -1.38
N MLE A 6 3.57 -0.57 -0.09
CN MLE A 6 4.64 -1.30 -0.80
CA MLE A 6 4.23 0.47 0.71
CB MLE A 6 4.87 -0.15 1.94
CG MLE A 6 4.81 0.84 3.11
CD1 MLE A 6 5.27 0.15 4.39
CD2 MLE A 6 5.75 2.01 2.81
C MLE A 6 5.29 1.14 -0.12
O MLE A 6 6.48 0.91 0.07
HN1 MLE A 6 4.92 -0.75 -1.70
HN2 MLE A 6 5.51 -1.38 -0.14
HN3 MLE A 6 4.28 -2.29 -1.06
HA MLE A 6 3.49 1.21 1.02
HB2 MLE A 6 4.31 -1.06 2.22
HB3 MLE A 6 5.90 -0.42 1.73
HG MLE A 6 3.80 1.21 3.23
HD11 MLE A 6 5.70 -0.82 4.15
HD12 MLE A 6 6.02 0.76 4.90
HD13 MLE A 6 4.41 0.01 5.05
HD21 MLE A 6 5.29 2.67 2.07
HD22 MLE A 6 5.92 2.58 3.72
HD23 MLE A 6 6.70 1.64 2.42
N DPR A 7 4.87 1.99 -1.05
CA DPR A 7 3.43 2.25 -1.26
CB DPR A 7 3.32 2.91 -2.64
CG DPR A 7 4.74 2.89 -3.27
CD DPR A 7 5.64 2.80 -2.01
C DPR A 7 2.91 3.13 -0.16
O DPR A 7 3.68 3.75 0.58
HA DPR A 7 2.88 1.31 -1.28
HB2 DPR A 7 2.61 2.35 -3.24
HB3 DPR A 7 2.97 3.95 -2.51
HG2 DPR A 7 4.86 2.01 -3.91
HG3 DPR A 7 4.93 3.80 -3.84
HD2 DPR A 7 5.82 3.80 -1.62
HD3 DPR A 7 6.58 2.31 -2.26
N LEU A 8 1.58 3.19 -0.03
CA LEU A 8 0.95 4.01 1.00
C LEU A 8 -0.39 3.40 1.42
N DVA A 1 -0.40 2.17 1.91
CA DVA A 1 -1.51 1.58 2.65
CB DVA A 1 -1.25 1.70 4.15
CG1 DVA A 1 0.26 1.75 4.41
CG2 DVA A 1 -1.91 2.97 4.67
C DVA A 1 -1.64 0.12 2.27
O DVA A 1 -0.65 -0.54 1.95
H1 DVA A 1 0.27 1.58 1.49
HA DVA A 1 -2.44 2.10 2.39
HB DVA A 1 -1.67 0.83 4.65
HG11 DVA A 1 0.65 2.71 4.05
HG12 DVA A 1 0.45 1.65 5.47
HG13 DVA A 1 0.76 0.94 3.87
HG21 DVA A 1 -2.99 2.89 4.56
HG22 DVA A 1 -1.67 3.09 5.73
HG23 DVA A 1 -1.54 3.83 4.12
N MLE A 2 -2.87 -0.39 2.30
CN MLE A 2 -4.17 0.22 2.64
CA MLE A 2 -3.12 -1.79 1.96
CB MLE A 2 -4.06 -2.40 3.00
CG MLE A 2 -3.43 -2.25 4.39
CD1 MLE A 2 -4.47 -2.63 5.45
CD2 MLE A 2 -2.22 -3.18 4.51
C MLE A 2 -3.77 -1.86 0.60
O MLE A 2 -4.32 -0.87 0.11
HN1 MLE A 2 -4.14 1.28 2.44
HN2 MLE A 2 -4.94 -0.25 2.04
HN3 MLE A 2 -4.37 0.05 3.69
HA MLE A 2 -2.19 -2.34 1.94
HB2 MLE A 2 -5.02 -1.90 2.98
HB3 MLE A 2 -4.20 -3.47 2.78
HG MLE A 2 -3.13 -1.22 4.53
HD11 MLE A 2 -3.95 -2.95 6.37
HD12 MLE A 2 -5.09 -1.76 5.69
HD13 MLE A 2 -5.09 -3.44 5.09
HD21 MLE A 2 -2.25 -3.93 3.73
HD22 MLE A 2 -1.31 -2.58 4.41
HD23 MLE A 2 -2.22 -3.66 5.49
N DPR A 3 -3.73 -3.04 -0.01
CA DPR A 3 -4.34 -3.25 -1.34
CB DPR A 3 -4.51 -4.75 -1.49
CG DPR A 3 -3.21 -5.24 -0.79
CD DPR A 3 -3.14 -4.32 0.45
C DPR A 3 -3.46 -2.64 -2.40
O DPR A 3 -3.74 -2.76 -3.59
HA DPR A 3 -5.33 -2.79 -1.37
HB2 DPR A 3 -5.40 -5.11 -0.95
HB3 DPR A 3 -4.54 -5.06 -2.53
HG2 DPR A 3 -3.31 -6.30 -0.49
HG3 DPR A 3 -2.35 -5.11 -1.44
HD2 DPR A 3 -2.11 -4.17 0.75
HD3 DPR A 3 -3.72 -4.74 1.27
N LEU A 4 -2.37 -2.01 -1.97
CA LEU A 4 -1.43 -1.39 -2.89
C LEU A 4 0.01 -1.78 -2.56
N DVA A 5 0.39 -1.60 -1.30
CA DVA A 5 1.75 -1.96 -0.85
CB DVA A 5 1.69 -3.21 0.02
CG1 DVA A 5 0.75 -2.97 1.20
CG2 DVA A 5 1.17 -4.38 -0.81
C DVA A 5 2.32 -0.81 -0.05
O DVA A 5 1.60 -0.11 0.64
H DVA A 5 -0.24 -1.23 -0.66
HA DVA A 5 2.37 -2.15 -1.72
HB DVA A 5 2.69 -3.45 0.38
HG11 DVA A 5 1.06 -2.06 1.73
HG12 DVA A 5 -0.27 -2.85 0.84
HG13 DVA A 5 0.80 -3.82 1.89
HG21 DVA A 5 1.43 -4.24 -1.86
HG22 DVA A 5 1.61 -5.31 -0.45
HG23 DVA A 5 0.07 -4.44 -0.72
N MLE A 6 3.63 -0.63 -0.15
CN MLE A 6 4.66 -1.35 -0.92
CA MLE A 6 4.31 0.45 0.57
CB MLE A 6 5.10 -0.15 1.75
CG MLE A 6 4.49 0.35 3.06
CD1 MLE A 6 4.59 1.88 3.13
CD2 MLE A 6 3.01 -0.05 3.13
C MLE A 6 5.26 1.15 -0.35
O MLE A 6 6.48 0.95 -0.29
HN1 MLE A 6 4.31 -2.35 -1.15
HN2 MLE A 6 4.87 -0.81 -1.84
HN3 MLE A 6 5.58 -1.41 -0.32
HA MLE A 6 3.57 1.16 0.95
HB2 MLE A 6 5.03 -1.23 1.71
HB3 MLE A 6 6.14 0.16 1.69
HG MLE A 6 5.03 -0.09 3.90
HD11 MLE A 6 5.00 2.17 4.09
HD12 MLE A 6 5.26 2.23 2.33
HD13 MLE A 6 3.62 2.32 3.00
HD21 MLE A 6 2.40 0.72 2.68
HD22 MLE A 6 2.87 -0.99 2.60
HD23 MLE A 6 2.72 -0.18 4.18
N DPR A 7 4.72 1.99 -1.23
CA DPR A 7 3.27 2.22 -1.28
CB DPR A 7 2.99 2.85 -2.63
CG DPR A 7 4.24 3.76 -2.78
CD DPR A 7 5.37 2.84 -2.26
C DPR A 7 2.84 3.09 -0.13
O DPR A 7 3.69 3.65 0.60
HA DPR A 7 2.74 1.26 -1.23
HB2 DPR A 7 2.97 2.10 -3.43
HB3 DPR A 7 2.08 3.45 -2.62
HG2 DPR A 7 4.40 4.03 -3.82
HG3 DPR A 7 4.14 4.65 -2.15
HD2 DPR A 7 6.17 3.43 -1.83
HD3 DPR A 7 5.75 2.21 -3.07
N LEU A 8 1.54 3.21 0.08
CA LEU A 8 0.99 4.03 1.15
C LEU A 8 -0.35 3.49 1.63
N DVA A 1 -0.67 2.22 1.81
CA DVA A 1 -1.29 1.56 2.97
CB DVA A 1 -0.36 1.66 4.18
CG1 DVA A 1 1.06 1.98 3.71
CG2 DVA A 1 -0.84 2.78 5.11
C DVA A 1 -1.53 0.12 2.65
O DVA A 1 -0.61 -0.69 2.61
H1 DVA A 1 -0.31 1.68 1.09
HA DVA A 1 -2.23 2.05 3.21
HB DVA A 1 -0.35 0.72 4.71
HG11 DVA A 1 1.77 1.80 4.51
HG12 DVA A 1 1.30 1.36 2.84
HG13 DVA A 1 1.12 3.03 3.41
HG21 DVA A 1 -1.89 2.63 5.34
HG22 DVA A 1 -0.26 2.76 6.03
HG23 DVA A 1 -0.71 3.74 4.62
N MLE A 2 -2.80 -0.23 2.41
CN MLE A 2 -4.05 0.56 2.41
CA MLE A 2 -3.18 -1.61 2.09
CB MLE A 2 -4.35 -2.04 2.97
CG MLE A 2 -3.99 -1.82 4.44
CD1 MLE A 2 -5.21 -2.11 5.31
CD2 MLE A 2 -2.85 -2.77 4.82
C MLE A 2 -3.58 -1.68 0.63
O MLE A 2 -3.97 -0.69 0.03
HN1 MLE A 2 -4.47 0.58 3.42
HN2 MLE A 2 -3.82 1.58 2.10
HN3 MLE A 2 -4.76 0.12 1.72
HA MLE A 2 -2.33 -2.27 2.26
HB2 MLE A 2 -5.23 -1.45 2.72
HB3 MLE A 2 -4.56 -3.09 2.80
HG MLE A 2 -3.67 -0.80 4.59
HD11 MLE A 2 -5.06 -1.69 6.30
HD12 MLE A 2 -6.10 -1.68 4.85
HD13 MLE A 2 -5.35 -3.20 5.40
HD21 MLE A 2 -3.01 -3.13 5.84
HD22 MLE A 2 -2.83 -3.62 4.14
HD23 MLE A 2 -1.90 -2.24 4.77
N DPR A 3 -3.50 -2.88 0.07
CA DPR A 3 -3.86 -3.10 -1.34
CB DPR A 3 -4.14 -4.59 -1.47
CG DPR A 3 -3.01 -5.15 -0.56
CD DPR A 3 -3.06 -4.18 0.64
C DPR A 3 -2.74 -2.63 -2.24
O DPR A 3 -2.34 -3.32 -3.17
HA DPR A 3 -4.77 -2.56 -1.57
HB2 DPR A 3 -5.12 -4.85 -1.07
HB3 DPR A 3 -4.03 -4.94 -2.49
HG2 DPR A 3 -3.24 -6.17 -0.24
HG3 DPR A 3 -2.05 -5.10 -1.07
HD2 DPR A 3 -2.06 -4.08 1.09
HD3 DPR A 3 -3.77 -4.53 1.39
N LEU A 4 -2.22 -1.44 -1.95
CA LEU A 4 -1.14 -0.87 -2.74
C LEU A 4 0.14 -1.70 -2.59
N DVA A 5 0.82 -1.53 -1.46
CA DVA A 5 2.06 -2.27 -1.20
CB DVA A 5 1.82 -3.27 -0.07
CG1 DVA A 5 0.33 -3.59 0.03
CG2 DVA A 5 2.60 -4.56 -0.36
C DVA A 5 3.14 -1.31 -0.79
O DVA A 5 4.20 -1.24 -1.42
H DVA A 5 0.50 -0.90 -0.80
HA DVA A 5 2.37 -2.80 -2.10
HB DVA A 5 2.17 -2.85 0.87
HG11 DVA A 5 0.19 -4.49 0.62
HG12 DVA A 5 -0.19 -2.76 0.50
HG13 DVA A 5 -0.08 -3.76 -0.97
HG21 DVA A 5 3.01 -4.95 0.57
HG22 DVA A 5 1.93 -5.29 -0.81
HG23 DVA A 5 3.42 -4.34 -1.05
N MLE A 6 2.88 -0.54 0.27
CN MLE A 6 1.71 -0.46 1.14
CA MLE A 6 3.86 0.44 0.77
CB MLE A 6 4.66 -0.18 1.91
CG MLE A 6 5.28 -1.50 1.44
CD1 MLE A 6 6.72 -1.61 1.98
CD2 MLE A 6 4.45 -2.67 1.97
C MLE A 6 4.79 0.83 -0.35
O MLE A 6 5.98 0.55 -0.31
HN1 MLE A 6 1.02 -1.26 0.91
HN2 MLE A 6 2.03 -0.55 2.19
HN3 MLE A 6 1.22 0.50 1.00
HA MLE A 6 3.33 1.32 1.13
HB2 MLE A 6 5.45 0.50 2.21
HB3 MLE A 6 4.01 -0.37 2.76
HG MLE A 6 5.31 -1.52 0.35
HD11 MLE A 6 7.36 -0.93 1.43
HD12 MLE A 6 6.73 -1.35 3.04
HD13 MLE A 6 7.08 -2.63 1.84
HD21 MLE A 6 3.47 -2.31 2.28
HD22 MLE A 6 4.34 -3.41 1.17
HD23 MLE A 6 4.96 -3.13 2.82
N DPR A 7 4.24 1.50 -1.35
CA DPR A 7 2.80 1.84 -1.37
CB DPR A 7 2.48 2.34 -2.77
CG DPR A 7 3.82 3.03 -3.16
CD DPR A 7 4.86 2.04 -2.59
C DPR A 7 2.50 2.86 -0.31
O DPR A 7 3.41 3.48 0.24
HA DPR A 7 2.21 0.94 -1.20
HB2 DPR A 7 2.27 1.50 -3.45
HB3 DPR A 7 1.67 3.05 -2.76
HG2 DPR A 7 3.91 3.11 -4.24
HG3 DPR A 7 3.90 4.00 -2.68
HD2 DPR A 7 5.78 2.56 -2.35
HD3 DPR A 7 5.05 1.23 -3.29
N LEU A 8 1.22 3.06 -0.02
CA LEU A 8 0.80 4.02 0.99
C LEU A 8 -0.51 3.57 1.65
N DVA A 1 -0.62 2.28 1.96
CA DVA A 1 -1.19 1.58 3.11
CB DVA A 1 -0.21 1.64 4.29
CG1 DVA A 1 -0.23 3.05 4.89
CG2 DVA A 1 -0.63 0.63 5.36
C DVA A 1 -1.44 0.14 2.76
O DVA A 1 -0.54 -0.68 2.79
H1 DVA A 1 -0.28 1.76 1.20
HA DVA A 1 -2.13 2.05 3.40
HB DVA A 1 0.79 1.41 3.94
HG11 DVA A 1 0.00 3.00 5.95
HG12 DVA A 1 0.53 3.67 4.39
HG13 DVA A 1 -1.20 3.50 4.74
HG21 DVA A 1 -0.17 -0.33 5.14
HG22 DVA A 1 -0.30 0.98 6.34
HG23 DVA A 1 -1.71 0.53 5.36
N MLE A 2 -2.69 -0.16 2.40
CN MLE A 2 -3.90 0.66 2.29
CA MLE A 2 -3.07 -1.53 2.01
CB MLE A 2 -4.25 -1.98 2.88
CG MLE A 2 -3.95 -1.71 4.35
CD1 MLE A 2 -5.15 -2.12 5.20
CD2 MLE A 2 -2.72 -2.52 4.77
C MLE A 2 -3.46 -1.55 0.56
O MLE A 2 -3.63 -0.51 -0.07
HN1 MLE A 2 -3.65 1.62 1.83
HN2 MLE A 2 -4.63 0.15 1.66
HN3 MLE A 2 -4.32 0.83 3.28
HA MLE A 2 -2.22 -2.19 2.18
HB2 MLE A 2 -5.14 -1.43 2.57
HB3 MLE A 2 -4.41 -3.05 2.72
HG MLE A 2 -3.75 -0.65 4.49
HD11 MLE A 2 -5.33 -3.19 5.09
HD12 MLE A 2 -4.95 -1.89 6.24
HD13 MLE A 2 -6.03 -1.57 4.87
HD21 MLE A 2 -2.90 -2.98 5.74
HD22 MLE A 2 -2.53 -3.31 4.04
HD23 MLE A 2 -1.86 -1.86 4.84
N DPR A 3 -3.59 -2.76 0.01
CA DPR A 3 -3.97 -2.93 -1.40
CB DPR A 3 -4.46 -4.36 -1.53
CG DPR A 3 -3.47 -5.08 -0.57
CD DPR A 3 -3.42 -4.09 0.62
C DPR A 3 -2.77 -2.70 -2.28
O DPR A 3 -2.37 -3.58 -3.04
HA DPR A 3 -4.77 -2.22 -1.66
HB2 DPR A 3 -5.49 -4.48 -1.19
HB3 DPR A 3 -4.34 -4.72 -2.55
HG2 DPR A 3 -3.86 -6.05 -0.27
HG3 DPR A 3 -2.48 -5.19 -1.04
HD2 DPR A 3 -2.46 -4.17 1.12
HD3 DPR A 3 -4.23 -4.31 1.32
N LEU A 4 -2.18 -1.50 -2.17
CA LEU A 4 -1.01 -1.16 -2.97
C LEU A 4 0.18 -2.04 -2.61
N DVA A 5 0.87 -1.66 -1.53
CA DVA A 5 2.04 -2.43 -1.06
CB DVA A 5 1.64 -3.28 0.13
CG1 DVA A 5 0.13 -3.49 0.14
CG2 DVA A 5 2.35 -4.64 0.05
C DVA A 5 3.13 -1.47 -0.67
O DVA A 5 4.25 -1.56 -1.14
H DVA A 5 0.58 -0.86 -1.04
HA DVA A 5 2.40 -3.07 -1.87
HB DVA A 5 1.94 -2.78 1.06
HG11 DVA A 5 -0.37 -2.56 0.39
HG12 DVA A 5 -0.20 -3.83 -0.85
HG13 DVA A 5 -0.14 -4.25 0.88
HG21 DVA A 5 2.66 -4.95 1.05
HG22 DVA A 5 1.66 -5.38 -0.35
HG23 DVA A 5 3.21 -4.55 -0.61
N MLE A 6 2.80 -0.54 0.23
CN MLE A 6 1.53 -0.26 0.92
CA MLE A 6 3.77 0.45 0.70
CB MLE A 6 4.61 -0.16 1.83
CG MLE A 6 4.81 0.89 2.92
CD1 MLE A 6 5.44 2.15 2.32
CD2 MLE A 6 3.48 1.23 3.56
C MLE A 6 4.67 0.86 -0.43
O MLE A 6 5.86 0.53 -0.44
HN1 MLE A 6 0.87 -1.11 0.83
HN2 MLE A 6 1.73 -0.06 1.97
HN3 MLE A 6 1.06 0.61 0.47
HA MLE A 6 3.24 1.33 1.08
HB2 MLE A 6 4.09 -1.02 2.24
HB3 MLE A 6 5.57 -0.47 1.43
HG MLE A 6 5.49 0.48 3.68
HD11 MLE A 6 6.14 2.59 3.03
HD12 MLE A 6 5.97 1.89 1.40
HD13 MLE A 6 4.64 2.86 2.09
HD21 MLE A 6 3.63 1.59 4.58
HD22 MLE A 6 2.98 2.00 2.98
HD23 MLE A 6 2.85 0.34 3.60
N DPR A 7 4.10 1.57 -1.40
CA DPR A 7 2.67 1.94 -1.36
CB DPR A 7 2.33 2.55 -2.73
CG DPR A 7 3.52 2.17 -3.65
CD DPR A 7 4.70 2.11 -2.65
C DPR A 7 2.44 2.94 -0.26
O DPR A 7 3.38 3.49 0.30
HA DPR A 7 2.07 1.05 -1.20
HB2 DPR A 7 1.40 2.12 -3.10
HB3 DPR A 7 2.24 3.63 -2.64
HG2 DPR A 7 3.37 1.20 -4.12
HG3 DPR A 7 3.69 2.94 -4.40
HD2 DPR A 7 5.09 3.12 -2.47
HD3 DPR A 7 5.48 1.46 -3.02
N LEU A 8 1.17 3.17 0.06
CA LEU A 8 0.80 4.11 1.11
C LEU A 8 -0.41 3.61 1.89
N DVA A 1 -0.62 2.28 1.96
CA DVA A 1 -1.20 1.58 3.12
CB DVA A 1 -0.22 1.64 4.29
CG1 DVA A 1 -0.24 3.05 4.89
CG2 DVA A 1 -0.64 0.62 5.35
C DVA A 1 -1.46 0.14 2.75
O DVA A 1 -0.54 -0.69 2.79
H1 DVA A 1 -0.28 1.76 1.21
HA DVA A 1 -2.14 2.05 3.39
HB DVA A 1 0.79 1.41 3.94
HG11 DVA A 1 -1.24 3.48 4.79
HG12 DVA A 1 0.03 2.99 5.95
HG13 DVA A 1 0.48 3.68 4.38
HG21 DVA A 1 -1.72 0.50 5.34
HG22 DVA A 1 -0.16 -0.34 5.14
HG23 DVA A 1 -0.33 0.98 6.33
N MLE A 2 -2.70 -0.16 2.39
CN MLE A 2 -3.91 0.66 2.29
CA MLE A 2 -3.08 -1.53 2.01
CB MLE A 2 -4.26 -1.98 2.86
CG MLE A 2 -3.96 -1.72 4.35
CD1 MLE A 2 -5.18 -2.11 5.19
CD2 MLE A 2 -2.76 -2.56 4.77
C MLE A 2 -3.46 -1.56 0.56
O MLE A 2 -3.64 -0.52 -0.07
HN1 MLE A 2 -4.34 0.80 3.28
HN2 MLE A 2 -3.65 1.62 1.85
HN3 MLE A 2 -4.64 0.15 1.65
HA MLE A 2 -2.23 -2.20 2.19
HB2 MLE A 2 -5.15 -1.43 2.57
HB3 MLE A 2 -4.44 -3.05 2.71
HG MLE A 2 -3.75 -0.67 4.48
HD11 MLE A 2 -5.83 -2.76 4.61
HD12 MLE A 2 -4.84 -2.64 6.09
HD13 MLE A 2 -5.72 -1.21 5.49
HD21 MLE A 2 -1.84 -1.98 4.62
HD22 MLE A 2 -2.85 -2.82 5.83
HD23 MLE A 2 -2.72 -3.47 4.18
N DPR A 3 -3.59 -2.77 0.01
CA DPR A 3 -3.96 -2.93 -1.41
CB DPR A 3 -4.45 -4.36 -1.55
CG DPR A 3 -3.46 -5.08 -0.58
CD DPR A 3 -3.42 -4.10 0.62
C DPR A 3 -2.76 -2.69 -2.28
O DPR A 3 -2.36 -3.57 -3.05
HA DPR A 3 -4.76 -2.23 -1.66
HB2 DPR A 3 -5.47 -4.49 -1.21
HB3 DPR A 3 -4.32 -4.73 -2.56
HG2 DPR A 3 -3.85 -6.05 -0.27
HG3 DPR A 3 -2.48 -5.19 -1.04
HD2 DPR A 3 -2.46 -4.17 1.12
HD3 DPR A 3 -4.24 -4.31 1.31
N LEU A 4 -2.18 -1.50 -2.17
CA LEU A 4 -1.01 -1.15 -2.97
C LEU A 4 0.18 -2.02 -2.59
N DVA A 5 0.86 -1.66 -1.51
CA DVA A 5 2.02 -2.42 -1.05
CB DVA A 5 1.64 -3.28 0.16
CG1 DVA A 5 0.12 -3.48 0.17
CG2 DVA A 5 2.34 -4.63 0.08
C DVA A 5 3.13 -1.47 -0.66
O DVA A 5 4.25 -1.56 -1.14
H DVA A 5 0.58 -0.87 -1.01
HA DVA A 5 2.38 -3.07 -1.85
HB DVA A 5 1.93 -2.77 1.08
HG11 DVA A 5 -0.38 -2.54 0.42
HG12 DVA A 5 -0.20 -3.81 -0.81
HG13 DVA A 5 -0.13 -4.24 0.91
HG21 DVA A 5 2.66 -4.93 1.08
HG22 DVA A 5 1.64 -5.37 -0.32
HG23 DVA A 5 3.21 -4.55 -0.58
N MLE A 6 2.80 -0.53 0.23
CN MLE A 6 1.54 -0.24 0.93
CA MLE A 6 3.78 0.46 0.70
CB MLE A 6 4.62 -0.14 1.83
CG MLE A 6 4.85 0.92 2.91
CD1 MLE A 6 5.46 2.17 2.28
CD2 MLE A 6 3.52 1.27 3.56
C MLE A 6 4.67 0.86 -0.44
O MLE A 6 5.86 0.54 -0.46
HN1 MLE A 6 1.06 0.62 0.47
HN2 MLE A 6 0.87 -1.11 0.85
HN3 MLE A 6 1.75 -0.02 1.97
HA MLE A 6 3.25 1.34 1.07
HB2 MLE A 6 4.10 -1.00 2.25
HB3 MLE A 6 5.58 -0.47 1.42
HG MLE A 6 5.53 0.51 3.66
HD11 MLE A 6 6.14 2.64 2.99
HD12 MLE A 6 6.01 1.89 1.38
HD13 MLE A 6 4.67 2.87 2.02
HD21 MLE A 6 2.89 0.38 3.63
HD22 MLE A 6 3.70 1.65 4.56
HD23 MLE A 6 3.01 2.02 2.97
N DPR A 7 4.10 1.57 -1.42
CA DPR A 7 2.68 1.94 -1.38
CB DPR A 7 2.33 2.51 -2.75
CG DPR A 7 3.52 2.14 -3.67
CD DPR A 7 4.69 2.10 -2.66
C DPR A 7 2.44 2.94 -0.28
O DPR A 7 3.39 3.52 0.26
HA DPR A 7 2.07 1.05 -1.20
HB2 DPR A 7 1.41 2.07 -3.12
HB3 DPR A 7 2.23 3.60 -2.67
HG2 DPR A 7 3.37 1.16 -4.13
HG3 DPR A 7 3.68 2.90 -4.43
HD2 DPR A 7 5.08 3.11 -2.50
HD3 DPR A 7 5.49 1.45 -3.02
N LEU A 8 1.17 3.14 0.06
CA LEU A 8 0.82 4.09 1.11
C LEU A 8 -0.40 3.60 1.89
N DVA A 1 -0.61 2.29 1.97
CA DVA A 1 -1.20 1.58 3.12
CB DVA A 1 -0.22 1.66 4.30
CG1 DVA A 1 -0.25 3.06 4.89
CG2 DVA A 1 -0.64 0.64 5.36
C DVA A 1 -1.45 0.15 2.75
O DVA A 1 -0.54 -0.68 2.79
H1 DVA A 1 -0.27 1.77 1.21
HA DVA A 1 -2.14 2.06 3.39
HB DVA A 1 0.78 1.41 3.95
HG11 DVA A 1 0.53 3.67 4.43
HG12 DVA A 1 -1.22 3.51 4.71
HG13 DVA A 1 -0.06 3.00 5.96
HG21 DVA A 1 -1.73 0.51 5.33
HG22 DVA A 1 -0.16 -0.32 5.17
HG23 DVA A 1 -0.35 1.01 6.34
N MLE A 2 -2.69 -0.16 2.40
CN MLE A 2 -3.90 0.66 2.27
CA MLE A 2 -3.07 -1.53 2.01
CB MLE A 2 -4.25 -1.98 2.86
CG MLE A 2 -3.95 -1.71 4.35
CD1 MLE A 2 -5.15 -2.12 5.19
CD2 MLE A 2 -2.72 -2.52 4.77
C MLE A 2 -3.45 -1.55 0.56
O MLE A 2 -3.63 -0.51 -0.07
HN1 MLE A 2 -4.63 0.14 1.65
HN2 MLE A 2 -4.33 0.82 3.27
HN3 MLE A 2 -3.65 1.62 1.83
HA MLE A 2 -2.22 -2.19 2.18
HB2 MLE A 2 -5.14 -1.44 2.57
HB3 MLE A 2 -4.41 -3.05 2.72
HG MLE A 2 -3.76 -0.65 4.49
HD11 MLE A 2 -6.06 -1.69 4.78
HD12 MLE A 2 -5.24 -3.21 5.20
HD13 MLE A 2 -5.02 -1.76 6.22
HD21 MLE A 2 -2.60 -2.44 5.86
HD22 MLE A 2 -2.87 -3.57 4.49
HD23 MLE A 2 -1.84 -2.13 4.27
N DPR A 3 -3.59 -2.76 0.01
CA DPR A 3 -3.97 -2.93 -1.40
CB DPR A 3 -4.45 -4.36 -1.54
CG DPR A 3 -3.46 -5.08 -0.58
CD DPR A 3 -3.42 -4.10 0.62
C DPR A 3 -2.76 -2.70 -2.29
O DPR A 3 -2.37 -3.57 -3.05
HA DPR A 3 -4.76 -2.23 -1.66
HB2 DPR A 3 -5.47 -4.49 -1.21
HB3 DPR A 3 -4.32 -4.73 -2.56
HG2 DPR A 3 -3.85 -6.05 -0.27
HG3 DPR A 3 -2.47 -5.18 -1.03
HD2 DPR A 3 -2.46 -4.17 1.13
HD3 DPR A 3 -4.24 -4.31 1.31
N LEU A 4 -2.18 -1.50 -2.17
CA LEU A 4 -1.01 -1.15 -2.97
C LEU A 4 0.18 -2.03 -2.60
N DVA A 5 0.86 -1.67 -1.52
CA DVA A 5 2.03 -2.43 -1.05
CB DVA A 5 1.64 -3.28 0.16
CG1 DVA A 5 0.12 -3.49 0.15
CG2 DVA A 5 2.34 -4.64 0.07
C DVA A 5 3.12 -1.47 -0.66
O DVA A 5 4.25 -1.57 -1.15
H DVA A 5 0.57 -0.87 -1.02
HA DVA A 5 2.39 -3.08 -1.85
HB DVA A 5 1.93 -2.77 1.06
HG11 DVA A 5 -0.38 -2.55 0.39
HG12 DVA A 5 -0.20 -3.84 -0.82
HG13 DVA A 5 -0.14 -4.24 0.91
HG21 DVA A 5 3.21 -4.55 -0.58
HG22 DVA A 5 2.66 -4.93 1.06
HG23 DVA A 5 1.66 -5.38 -0.33
N MLE A 6 2.80 -0.54 0.23
CN MLE A 6 1.54 -0.25 0.92
CA MLE A 6 3.77 0.45 0.70
CB MLE A 6 4.62 -0.16 1.82
CG MLE A 6 5.14 0.96 2.74
CD1 MLE A 6 4.96 0.54 4.19
CD2 MLE A 6 6.61 1.22 2.45
C MLE A 6 4.67 0.85 -0.44
O MLE A 6 5.86 0.53 -0.45
HN1 MLE A 6 0.87 -1.11 0.84
HN2 MLE A 6 1.74 -0.05 1.98
HN3 MLE A 6 1.07 0.62 0.48
HA MLE A 6 3.25 1.33 1.07
HB2 MLE A 6 4.01 -0.85 2.40
HB3 MLE A 6 5.47 -0.69 1.38
HG MLE A 6 4.56 1.87 2.55
HD11 MLE A 6 3.94 0.19 4.35
HD12 MLE A 6 5.67 -0.26 4.42
HD13 MLE A 6 5.16 1.39 4.84
HD21 MLE A 6 7.18 0.30 2.61
HD22 MLE A 6 6.74 1.53 1.41
HD23 MLE A 6 6.97 2.00 3.11
N DPR A 7 4.10 1.57 -1.42
CA DPR A 7 2.67 1.93 -1.36
CB DPR A 7 2.32 2.52 -2.74
CG DPR A 7 3.50 2.16 -3.66
CD DPR A 7 4.68 2.11 -2.66
C DPR A 7 2.44 2.93 -0.26
O DPR A 7 3.38 3.48 0.31
HA DPR A 7 2.07 1.04 -1.20
HB2 DPR A 7 1.39 2.08 -3.10
HB3 DPR A 7 2.22 3.60 -2.65
HG2 DPR A 7 3.35 1.18 -4.12
HG3 DPR A 7 3.67 2.92 -4.42
HD2 DPR A 7 5.08 3.11 -2.48
HD3 DPR A 7 5.47 1.46 -3.02
N LEU A 8 1.17 3.17 0.06
CA LEU A 8 0.80 4.11 1.11
C LEU A 8 -0.41 3.61 1.89
N DVA A 1 -0.57 2.26 2.00
CA DVA A 1 -1.12 1.56 3.17
CB DVA A 1 -0.12 1.59 4.31
CG1 DVA A 1 0.00 3.02 4.84
CG2 DVA A 1 -0.58 0.67 5.43
C DVA A 1 -1.41 0.13 2.80
O DVA A 1 -0.53 -0.73 2.84
H1 DVA A 1 -0.26 1.74 1.23
HA DVA A 1 -2.05 2.05 3.48
HB DVA A 1 0.86 1.27 3.94
HG11 DVA A 1 -0.98 3.49 4.84
HG12 DVA A 1 0.39 3.01 5.86
HG13 DVA A 1 0.68 3.60 4.21
HG21 DVA A 1 -1.65 0.80 5.60
HG22 DVA A 1 -0.38 -0.36 5.15
HG23 DVA A 1 -0.03 0.91 6.35
N MLE A 2 -2.66 -0.15 2.43
CN MLE A 2 -3.85 0.71 2.30
CA MLE A 2 -3.07 -1.50 2.04
CB MLE A 2 -4.24 -1.95 2.93
CG MLE A 2 -3.79 -1.95 4.39
CD1 MLE A 2 -4.44 -0.78 5.12
CD2 MLE A 2 -4.22 -3.26 5.06
C MLE A 2 -3.50 -1.51 0.60
O MLE A 2 -3.77 -0.46 0.02
HN1 MLE A 2 -3.59 1.61 1.74
HN2 MLE A 2 -4.64 0.16 1.78
HN3 MLE A 2 -4.20 0.99 3.30
HA MLE A 2 -2.23 -2.19 2.17
HB2 MLE A 2 -5.07 -1.26 2.80
HB3 MLE A 2 -4.54 -2.96 2.64
HG MLE A 2 -2.70 -1.86 4.44
HD11 MLE A 2 -3.77 0.07 5.11
HD12 MLE A 2 -5.38 -0.51 4.63
HD13 MLE A 2 -4.65 -1.06 6.16
HD21 MLE A 2 -3.62 -4.08 4.66
HD22 MLE A 2 -4.08 -3.19 6.13
HD23 MLE A 2 -5.28 -3.45 4.84
N DPR A 3 -3.58 -2.70 0.02
CA DPR A 3 -3.99 -2.85 -1.40
CB DPR A 3 -4.61 -4.26 -1.43
CG DPR A 3 -4.37 -4.96 -0.07
CD DPR A 3 -3.30 -4.04 0.57
C DPR A 3 -2.79 -2.68 -2.30
O DPR A 3 -2.43 -3.59 -3.04
HA DPR A 3 -4.74 -2.09 -1.64
HB2 DPR A 3 -5.67 -4.13 -1.63
HB3 DPR A 3 -4.14 -4.82 -2.24
HG2 DPR A 3 -5.28 -4.97 0.53
HG3 DPR A 3 -3.99 -5.97 -0.22
HD2 DPR A 3 -2.30 -4.37 0.28
HD3 DPR A 3 -3.40 -4.04 1.65
N LEU A 4 -2.15 -1.51 -2.23
CA LEU A 4 -0.99 -1.24 -3.05
C LEU A 4 0.20 -2.11 -2.64
N DVA A 5 0.90 -1.69 -1.59
CA DVA A 5 2.06 -2.44 -1.08
CB DVA A 5 1.63 -3.29 0.11
CG1 DVA A 5 0.12 -3.52 0.06
CG2 DVA A 5 2.36 -4.63 0.07
C DVA A 5 3.14 -1.48 -0.67
O DVA A 5 4.27 -1.56 -1.13
H DVA A 5 0.64 -0.85 -1.14
HA DVA A 5 2.44 -3.09 -1.87
HB DVA A 5 1.89 -2.77 1.03
HG11 DVA A 5 -0.16 -3.88 -0.92
HG12 DVA A 5 -0.15 -4.26 0.82
HG13 DVA A 5 -0.40 -2.59 0.26
HG21 DVA A 5 3.23 -4.56 -0.59
HG22 DVA A 5 2.69 -4.91 1.07
HG23 DVA A 5 1.68 -5.40 -0.31
N MLE A 6 2.79 -0.55 0.21
CN MLE A 6 1.50 -0.27 0.89
CA MLE A 6 3.74 0.45 0.71
CB MLE A 6 4.58 -0.16 1.84
CG MLE A 6 3.92 0.16 3.19
CD1 MLE A 6 3.32 -1.12 3.77
CD2 MLE A 6 4.97 0.71 4.14
C MLE A 6 4.65 0.87 -0.41
O MLE A 6 5.84 0.56 -0.42
HN1 MLE A 6 1.06 0.62 0.46
HN2 MLE A 6 0.83 -1.11 0.73
HN3 MLE A 6 1.67 -0.14 1.95
HA MLE A 6 3.20 1.31 1.09
HB2 MLE A 6 4.63 -1.24 1.71
HB3 MLE A 6 5.58 0.25 1.81
HG MLE A 6 3.14 0.89 3.04
HD11 MLE A 6 4.01 -1.55 4.49
HD12 MLE A 6 2.38 -0.89 4.27
HD13 MLE A 6 3.14 -1.84 2.97
HD21 MLE A 6 5.45 1.58 3.70
HD22 MLE A 6 4.50 1.00 5.09
HD23 MLE A 6 5.74 -0.05 4.33
N DPR A 7 4.09 1.58 -1.39
CA DPR A 7 2.66 1.95 -1.36
CB DPR A 7 2.32 2.53 -2.72
CG DPR A 7 3.54 2.19 -3.64
CD DPR A 7 4.69 2.15 -2.62
C DPR A 7 2.41 2.93 -0.25
O DPR A 7 3.34 3.48 0.34
HA DPR A 7 2.06 1.05 -1.20
HB2 DPR A 7 1.42 2.06 -3.11
HB3 DPR A 7 2.19 3.61 -2.65
HG2 DPR A 7 3.39 1.22 -4.12
HG3 DPR A 7 3.69 2.97 -4.38
HD2 DPR A 7 5.06 3.16 -2.43
HD3 DPR A 7 5.49 1.51 -2.97
N LEU A 8 1.13 3.18 0.04
CA LEU A 8 0.76 4.12 1.10
C LEU A 8 -0.45 3.60 1.88
N DVA A 1 -0.53 2.06 1.80
CA DVA A 1 -1.46 1.77 2.89
CB DVA A 1 -0.68 1.55 4.19
CG1 DVA A 1 -0.42 2.89 4.85
CG2 DVA A 1 -1.49 0.66 5.13
C DVA A 1 -2.26 0.53 2.57
O DVA A 1 -3.47 0.57 2.40
H1 DVA A 1 0.29 1.52 1.71
HA DVA A 1 -2.15 2.60 3.01
HB DVA A 1 0.27 1.07 3.96
HG11 DVA A 1 0.65 3.01 5.03
HG12 DVA A 1 -0.78 3.69 4.21
HG13 DVA A 1 -0.95 2.93 5.81
HG21 DVA A 1 -2.55 0.88 5.01
HG22 DVA A 1 -1.31 -0.39 4.89
HG23 DVA A 1 -1.20 0.84 6.16
N MLE A 2 -1.56 -0.61 2.47
CN MLE A 2 -0.13 -0.89 2.62
CA MLE A 2 -2.21 -1.88 2.16
CB MLE A 2 -3.26 -2.20 3.23
CG MLE A 2 -2.65 -3.14 4.27
CD1 MLE A 2 -2.93 -2.59 5.67
CD2 MLE A 2 -3.26 -4.53 4.13
C MLE A 2 -2.88 -1.79 0.81
O MLE A 2 -2.99 -0.71 0.23
HN1 MLE A 2 0.07 -1.21 3.64
HN2 MLE A 2 0.17 -1.67 1.92
HN3 MLE A 2 0.45 0.02 2.42
HA MLE A 2 -1.46 -2.68 2.13
HB2 MLE A 2 -3.58 -1.27 3.70
HB3 MLE A 2 -4.12 -2.68 2.77
HG MLE A 2 -1.57 -3.19 4.12
HD11 MLE A 2 -3.96 -2.82 5.94
HD12 MLE A 2 -2.26 -3.06 6.38
HD13 MLE A 2 -2.79 -1.51 5.68
HD21 MLE A 2 -3.18 -5.06 5.07
HD22 MLE A 2 -4.31 -4.43 3.86
HD23 MLE A 2 -2.73 -5.08 3.35
N DPR A 3 -3.34 -2.93 0.30
CA DPR A 3 -4.01 -2.98 -1.01
CB DPR A 3 -4.74 -4.31 -1.07
CG DPR A 3 -3.71 -5.21 -0.32
CD DPR A 3 -3.29 -4.29 0.85
C DPR A 3 -3.00 -2.82 -2.12
O DPR A 3 -2.53 -3.80 -2.69
HA DPR A 3 -4.75 -2.18 -1.07
HB2 DPR A 3 -5.69 -4.29 -0.54
HB3 DPR A 3 -4.87 -4.66 -2.09
HG2 DPR A 3 -4.20 -6.12 0.05
HG3 DPR A 3 -2.86 -5.46 -0.96
HD2 DPR A 3 -2.28 -4.54 1.18
HD3 DPR A 3 -3.99 -4.39 1.69
N LEU A 4 -2.66 -1.57 -2.43
CA LEU A 4 -1.68 -1.28 -3.47
C LEU A 4 -0.28 -1.70 -3.05
N DVA A 5 0.07 -1.39 -1.81
CA DVA A 5 1.40 -1.74 -1.29
CB DVA A 5 1.32 -3.11 -0.59
CG1 DVA A 5 -0.11 -3.37 -0.14
CG2 DVA A 5 1.75 -4.20 -1.56
C DVA A 5 1.84 -0.70 -0.29
O DVA A 5 1.03 0.09 0.20
H DVA A 5 -0.56 -0.91 -1.24
HA DVA A 5 2.11 -1.79 -2.10
HB DVA A 5 1.98 -3.11 0.27
HG11 DVA A 5 -0.55 -2.45 0.26
HG12 DVA A 5 -0.71 -3.71 -0.99
HG13 DVA A 5 -0.11 -4.14 0.64
HG21 DVA A 5 0.88 -4.64 -2.03
HG22 DVA A 5 2.39 -3.77 -2.34
HG23 DVA A 5 2.31 -4.96 -1.03
N MLE A 6 3.13 -0.68 0.02
CN MLE A 6 4.25 -1.52 -0.44
CA MLE A 6 3.68 0.29 0.97
CB MLE A 6 3.96 -0.41 2.30
CG MLE A 6 3.94 0.62 3.42
CD1 MLE A 6 3.51 -0.06 4.73
CD2 MLE A 6 5.35 1.22 3.60
C MLE A 6 4.97 0.85 0.42
O MLE A 6 6.05 0.51 0.88
HN1 MLE A 6 4.93 -1.70 0.39
HN2 MLE A 6 3.86 -2.47 -0.81
HN3 MLE A 6 4.78 -1.00 -1.24
HA MLE A 6 2.97 1.09 1.13
HB2 MLE A 6 3.19 -1.16 2.48
HB3 MLE A 6 4.93 -0.89 2.27
HG MLE A 6 3.23 1.42 3.19
HD11 MLE A 6 3.96 0.47 5.58
HD12 MLE A 6 2.42 -0.03 4.82
HD13 MLE A 6 3.85 -1.09 4.74
HD21 MLE A 6 5.48 2.03 2.90
HD22 MLE A 6 5.45 1.59 4.62
HD23 MLE A 6 6.08 0.45 3.41
N DPR A 7 4.85 1.72 -0.58
CA DPR A 7 3.53 2.11 -1.11
CB DPR A 7 3.79 2.78 -2.46
CG DPR A 7 5.31 2.61 -2.76
CD DPR A 7 5.89 2.45 -1.34
C DPR A 7 2.82 3.02 -0.13
O DPR A 7 3.47 3.70 0.66
HA DPR A 7 2.92 1.21 -1.29
HB2 DPR A 7 3.19 2.29 -3.23
HB3 DPR A 7 3.53 3.84 -2.39
HG2 DPR A 7 5.50 1.72 -3.36
HG3 DPR A 7 5.72 3.49 -3.25
HD2 DPR A 7 6.06 3.42 -0.89
HD3 DPR A 7 6.81 1.87 -1.36
N LEU A 8 1.50 3.03 -0.20
CA LEU A 8 0.70 3.87 0.68
C LEU A 8 -0.61 3.18 1.06
N DVA A 1 -0.59 2.02 1.77
CA DVA A 1 -1.60 1.80 2.81
CB DVA A 1 -0.91 1.67 4.18
CG1 DVA A 1 0.45 2.38 4.13
CG2 DVA A 1 -1.78 2.32 5.26
C DVA A 1 -2.35 0.53 2.52
O DVA A 1 -3.57 0.55 2.35
H1 DVA A 1 0.23 1.49 1.78
HA DVA A 1 -2.29 2.64 2.84
HB DVA A 1 -0.76 0.62 4.41
HG11 DVA A 1 1.16 1.76 3.58
HG12 DVA A 1 0.34 3.33 3.62
HG13 DVA A 1 0.81 2.55 5.15
HG21 DVA A 1 -2.51 1.59 5.60
HG22 DVA A 1 -1.15 2.62 6.09
HG23 DVA A 1 -2.29 3.19 4.84
N MLE A 2 -1.63 -0.58 2.45
CN MLE A 2 -0.19 -0.82 2.61
CA MLE A 2 -2.25 -1.88 2.15
CB MLE A 2 -3.29 -2.20 3.23
CG MLE A 2 -2.68 -3.18 4.25
CD1 MLE A 2 -2.43 -2.45 5.57
CD2 MLE A 2 -3.67 -4.34 4.48
C MLE A 2 -2.91 -1.84 0.81
O MLE A 2 -3.08 -0.77 0.23
HN1 MLE A 2 0.21 -1.23 1.68
HN2 MLE A 2 0.31 0.11 2.83
HN3 MLE A 2 -0.02 -1.53 3.41
HA MLE A 2 -1.48 -2.66 2.15
HB2 MLE A 2 -3.58 -1.29 3.74
HB3 MLE A 2 -4.16 -2.66 2.77
HG MLE A 2 -1.75 -3.57 3.86
HD11 MLE A 2 -3.34 -2.46 6.17
HD12 MLE A 2 -1.63 -2.95 6.11
HD13 MLE A 2 -2.15 -1.42 5.36
HD21 MLE A 2 -4.32 -4.44 3.61
HD22 MLE A 2 -3.11 -5.25 4.62
HD23 MLE A 2 -4.27 -4.13 5.37
N DPR A 3 -3.30 -3.01 0.30
CA DPR A 3 -3.96 -3.09 -1.01
CB DPR A 3 -4.57 -4.49 -1.08
CG DPR A 3 -3.49 -5.31 -0.32
CD DPR A 3 -3.17 -4.36 0.87
C DPR A 3 -2.97 -2.83 -2.11
O DPR A 3 -2.46 -3.75 -2.74
HA DPR A 3 -4.77 -2.38 -1.06
HB2 DPR A 3 -5.53 -4.54 -0.59
HB3 DPR A 3 -4.64 -4.83 -2.12
HG2 DPR A 3 -3.92 -6.25 0.04
HG3 DPR A 3 -2.61 -5.49 -0.94
HD2 DPR A 3 -2.15 -4.54 1.21
HD3 DPR A 3 -3.87 -4.51 1.68
N LEU A 4 -2.69 -1.56 -2.35
CA LEU A 4 -1.73 -1.16 -3.38
C LEU A 4 -0.31 -1.57 -3.01
N DVA A 5 0.05 -1.34 -1.76
CA DVA A 5 1.39 -1.69 -1.27
CB DVA A 5 1.34 -3.06 -0.57
CG1 DVA A 5 -0.08 -3.33 -0.09
CG2 DVA A 5 1.77 -4.15 -1.56
C DVA A 5 1.86 -0.65 -0.29
O DVA A 5 1.07 0.16 0.19
H DVA A 5 -0.59 -0.92 -1.13
HA DVA A 5 2.08 -1.74 -2.10
HB DVA A 5 2.01 -3.05 0.29
HG11 DVA A 5 -0.70 -3.67 -0.93
HG12 DVA A 5 -0.08 -4.10 0.68
HG13 DVA A 5 -0.52 -2.42 0.32
HG21 DVA A 5 2.64 -3.81 -2.10
HG22 DVA A 5 2.00 -5.06 -1.01
HG23 DVA A 5 0.95 -4.34 -2.25
N MLE A 6 3.15 -0.67 0.01
CN MLE A 6 4.25 -1.54 -0.44
CA MLE A 6 3.74 0.31 0.95
CB MLE A 6 4.03 -0.39 2.29
CG MLE A 6 4.04 0.64 3.41
CD1 MLE A 6 3.59 -0.02 4.71
CD2 MLE A 6 5.46 1.18 3.58
C MLE A 6 5.02 0.85 0.39
O MLE A 6 6.11 0.50 0.84
HN1 MLE A 6 4.80 -1.04 -1.23
HN2 MLE A 6 4.92 -1.74 0.40
HN3 MLE A 6 3.83 -2.47 -0.81
HA MLE A 6 3.03 1.12 1.11
HB2 MLE A 6 3.24 -1.13 2.48
HB3 MLE A 6 4.99 -0.89 2.24
HG MLE A 6 3.37 1.46 3.16
HD11 MLE A 6 3.16 0.74 5.37
HD12 MLE A 6 2.84 -0.78 4.50
HD13 MLE A 6 4.44 -0.48 5.21
HD21 MLE A 6 6.18 0.42 3.30
HD22 MLE A 6 5.59 2.06 2.94
HD23 MLE A 6 5.62 1.47 4.62
N DPR A 7 4.89 1.70 -0.62
CA DPR A 7 3.58 2.09 -1.15
CB DPR A 7 3.83 2.77 -2.50
CG DPR A 7 5.33 2.57 -2.81
CD DPR A 7 5.94 2.41 -1.40
C DPR A 7 2.87 3.00 -0.17
O DPR A 7 3.53 3.71 0.61
HA DPR A 7 2.97 1.20 -1.33
HB2 DPR A 7 3.21 2.30 -3.26
HB3 DPR A 7 3.60 3.84 -2.41
HG2 DPR A 7 5.49 1.67 -3.41
HG3 DPR A 7 5.75 3.44 -3.33
HD2 DPR A 7 6.14 3.39 -0.97
HD3 DPR A 7 6.85 1.82 -1.44
N LEU A 8 1.55 2.98 -0.19
CA LEU A 8 0.76 3.81 0.71
C LEU A 8 -0.58 3.15 1.02
#